data_2C29
#
_entry.id   2C29
#
_cell.length_a   87.818
_cell.length_b   89.927
_cell.length_c   93.191
_cell.angle_alpha   90.00
_cell.angle_beta   90.00
_cell.angle_gamma   90.00
#
_symmetry.space_group_name_H-M   'P 21 21 21'
#
loop_
_entity.id
_entity.type
_entity.pdbx_description
1 polymer 'DIHYDROFLAVONOL 4-REDUCTASE'
2 non-polymer 'NADP NICOTINAMIDE-ADENINE-DINUCLEOTIDE PHOSPHATE'
3 non-polymer (2R,3R)-2-(3,4-DIHYDROXYPHENYL)-3,5,7-TRIHYDROXY-2,3-DIHYDRO-4H-CHROMEN-4-ONE
4 water water
#
_entity_poly.entity_id   1
_entity_poly.type   'polypeptide(L)'
_entity_poly.pdbx_seq_one_letter_code
;MGSQSETVCVTGASGFIGSWLVMRLLERGYTVRATVRDPTNVKKVKHLLDLPKAETHLTLWKADLADEGSFDEAIKGCTG
VFHVATPMDFESKDPENEVIKPTIEGMLGIMKSCAAAKTVRRLVFTSSAGTVNIQEHQLPVYDESCWSDMEFCRAKKMTA
WMYFVSKTLAEQAAWKYAKENNIDFITIIPTLVVGPFIMSSMPPSLITALSPITGNEAHYSIIRQGQFVHLDDLCNAHIY
LFENPKAEGRYICSSHDCIILDLAKMLREKYPEYNIPTEFKGVDENLKSVCFSSKKLTDLGFEFKYSLEDMFTGAVDTCR
AKGLLPPSHEKPVDGKT
;
_entity_poly.pdbx_strand_id   D,F
#
loop_
_chem_comp.id
_chem_comp.type
_chem_comp.name
_chem_comp.formula
DQH non-polymer (2R,3R)-2-(3,4-DIHYDROXYPHENYL)-3,5,7-TRIHYDROXY-2,3-DIHYDRO-4H-CHROMEN-4-ONE 'C15 H12 O7'
NAP non-polymer 'NADP NICOTINAMIDE-ADENINE-DINUCLEOTIDE PHOSPHATE' 'C21 H28 N7 O17 P3'
#
# COMPACT_ATOMS: atom_id res chain seq x y z
N GLU A 6 17.35 29.23 -7.80
CA GLU A 6 17.55 27.76 -7.67
C GLU A 6 16.49 26.94 -8.41
N THR A 7 16.61 25.61 -8.34
CA THR A 7 15.79 24.73 -9.20
C THR A 7 14.77 23.87 -8.43
N VAL A 8 13.49 24.16 -8.63
CA VAL A 8 12.42 23.51 -7.88
C VAL A 8 11.43 22.79 -8.78
N CYS A 9 10.83 21.72 -8.26
CA CYS A 9 9.76 21.01 -8.95
C CYS A 9 8.41 21.39 -8.36
N VAL A 10 7.45 21.71 -9.24
CA VAL A 10 6.06 21.87 -8.86
C VAL A 10 5.23 20.78 -9.53
N THR A 11 4.60 19.94 -8.72
CA THR A 11 3.76 18.87 -9.22
C THR A 11 2.38 19.48 -9.43
N GLY A 12 1.64 18.94 -10.38
CA GLY A 12 0.29 19.40 -10.65
C GLY A 12 0.25 20.87 -11.07
N ALA A 13 1.23 21.28 -11.87
CA ALA A 13 1.45 22.70 -12.17
C ALA A 13 0.33 23.32 -13.04
N SER A 14 -0.47 22.48 -13.70
CA SER A 14 -1.54 22.97 -14.58
C SER A 14 -2.74 23.49 -13.81
N GLY A 15 -2.87 23.08 -12.55
CA GLY A 15 -4.04 23.41 -11.78
C GLY A 15 -4.07 24.79 -11.14
N PHE A 16 -5.09 24.98 -10.30
CA PHE A 16 -5.47 26.30 -9.75
C PHE A 16 -4.35 26.91 -8.94
N ILE A 17 -3.85 26.15 -7.95
CA ILE A 17 -2.73 26.57 -7.09
C ILE A 17 -1.37 26.37 -7.79
N GLY A 18 -1.22 25.21 -8.42
CA GLY A 18 -0.01 24.85 -9.17
C GLY A 18 0.42 25.91 -10.14
N SER A 19 -0.51 26.42 -10.96
CA SER A 19 -0.11 27.36 -12.02
C SER A 19 0.22 28.75 -11.46
N TRP A 20 -0.49 29.17 -10.42
CA TRP A 20 -0.22 30.46 -9.79
C TRP A 20 1.11 30.46 -9.04
N LEU A 21 1.38 29.35 -8.38
CA LEU A 21 2.68 29.13 -7.71
C LEU A 21 3.86 29.15 -8.69
N VAL A 22 3.73 28.48 -9.83
CA VAL A 22 4.78 28.50 -10.85
C VAL A 22 4.98 29.96 -11.32
N MET A 23 3.90 30.69 -11.58
CA MET A 23 4.03 32.09 -11.93
C MET A 23 4.80 32.93 -10.95
N ARG A 24 4.43 32.87 -9.67
CA ARG A 24 5.15 33.57 -8.60
C ARG A 24 6.58 33.10 -8.43
N LEU A 25 6.78 31.81 -8.58
CA LEU A 25 8.13 31.24 -8.48
C LEU A 25 9.08 31.82 -9.56
N LEU A 26 8.66 31.70 -10.81
CA LEU A 26 9.39 32.27 -11.95
C LEU A 26 9.64 33.77 -11.78
N GLU A 27 8.63 34.51 -11.32
CA GLU A 27 8.80 35.93 -11.01
C GLU A 27 9.88 36.19 -9.98
N ARG A 28 9.95 35.34 -8.98
CA ARG A 28 10.98 35.41 -7.93
C ARG A 28 12.37 34.95 -8.40
N GLY A 29 12.49 34.47 -9.63
CA GLY A 29 13.80 34.12 -10.19
C GLY A 29 14.19 32.66 -10.15
N TYR A 30 13.26 31.80 -9.74
CA TYR A 30 13.48 30.34 -9.71
C TYR A 30 13.51 29.71 -11.09
N THR A 31 14.22 28.59 -11.19
CA THR A 31 14.07 27.70 -12.32
C THR A 31 13.01 26.68 -11.90
N VAL A 32 11.97 26.52 -12.73
CA VAL A 32 10.83 25.67 -12.39
C VAL A 32 10.73 24.50 -13.34
N ARG A 33 10.64 23.29 -12.75
CA ARG A 33 10.27 22.05 -13.43
C ARG A 33 8.83 21.69 -13.07
N ALA A 34 7.92 21.97 -14.01
CA ALA A 34 6.50 21.74 -13.84
C ALA A 34 6.06 20.36 -14.33
N THR A 35 5.32 19.62 -13.51
CA THR A 35 4.79 18.31 -13.92
C THR A 35 3.30 18.42 -14.27
N VAL A 36 2.92 17.64 -15.28
CA VAL A 36 1.55 17.48 -15.71
C VAL A 36 1.40 16.02 -16.13
N ARG A 37 0.18 15.54 -16.16
CA ARG A 37 -0.12 14.18 -16.63
C ARG A 37 -0.07 14.10 -18.14
N ASP A 38 -0.57 15.13 -18.81
CA ASP A 38 -0.65 15.19 -20.28
C ASP A 38 -0.13 16.52 -20.85
N PRO A 39 1.17 16.56 -21.23
CA PRO A 39 1.74 17.73 -21.93
C PRO A 39 1.10 18.12 -23.31
N THR A 40 0.37 17.20 -23.96
CA THR A 40 -0.30 17.51 -25.23
C THR A 40 -1.59 18.31 -25.06
N ASN A 41 -2.10 18.36 -23.82
CA ASN A 41 -3.34 19.10 -23.56
C ASN A 41 -3.06 20.60 -23.51
N VAL A 42 -3.59 21.33 -24.49
CA VAL A 42 -3.35 22.77 -24.65
C VAL A 42 -4.03 23.59 -23.53
N LYS A 43 -5.21 23.15 -23.10
CA LYS A 43 -5.93 23.81 -22.00
C LYS A 43 -5.22 23.65 -20.65
N LYS A 44 -4.34 22.66 -20.56
CA LYS A 44 -3.59 22.38 -19.33
C LYS A 44 -2.23 23.07 -19.27
N VAL A 45 -1.61 23.31 -20.44
CA VAL A 45 -0.24 23.82 -20.49
C VAL A 45 -0.04 25.23 -21.07
N LYS A 46 -1.01 25.75 -21.81
CA LYS A 46 -0.81 27.02 -22.52
C LYS A 46 -0.57 28.18 -21.55
N HIS A 47 -1.30 28.17 -20.44
CA HIS A 47 -1.18 29.21 -19.41
C HIS A 47 0.17 29.17 -18.67
N LEU A 48 0.80 28.01 -18.67
CA LEU A 48 2.15 27.88 -18.16
C LEU A 48 3.19 28.41 -19.14
N LEU A 49 3.06 28.00 -20.40
CA LEU A 49 3.99 28.42 -21.45
C LEU A 49 3.95 29.91 -21.74
N ASP A 50 2.80 30.52 -21.50
CA ASP A 50 2.58 31.95 -21.69
C ASP A 50 3.21 32.85 -20.63
N LEU A 51 3.81 32.25 -19.60
CA LEU A 51 4.36 33.02 -18.48
C LEU A 51 5.69 33.62 -18.90
N PRO A 52 6.01 34.80 -18.35
CA PRO A 52 7.31 35.39 -18.66
C PRO A 52 8.43 34.60 -17.97
N LYS A 53 9.48 34.36 -18.73
CA LYS A 53 10.61 33.49 -18.37
C LYS A 53 10.34 32.01 -18.66
N ALA A 54 9.17 31.70 -19.21
CA ALA A 54 8.87 30.29 -19.51
C ALA A 54 9.89 29.70 -20.47
N GLU A 55 10.26 30.44 -21.52
CA GLU A 55 11.20 29.93 -22.52
C GLU A 55 12.53 29.57 -21.92
N THR A 56 12.98 30.37 -20.95
CA THR A 56 14.30 30.19 -20.34
C THR A 56 14.32 29.48 -18.99
N HIS A 57 13.23 29.54 -18.22
CA HIS A 57 13.26 29.06 -16.83
C HIS A 57 12.21 28.01 -16.47
N LEU A 58 11.44 27.55 -17.45
CA LEU A 58 10.38 26.58 -17.23
C LEU A 58 10.56 25.38 -18.11
N THR A 59 10.55 24.19 -17.50
CA THR A 59 10.49 22.94 -18.21
C THR A 59 9.23 22.18 -17.77
N LEU A 60 8.75 21.32 -18.66
CA LEU A 60 7.59 20.49 -18.45
C LEU A 60 8.01 19.03 -18.35
N TRP A 61 7.34 18.29 -17.47
CA TRP A 61 7.64 16.89 -17.22
C TRP A 61 6.35 16.10 -17.09
N LYS A 62 6.29 14.95 -17.75
CA LYS A 62 5.10 14.12 -17.72
C LYS A 62 5.20 13.15 -16.53
N ALA A 63 4.16 13.10 -15.71
CA ALA A 63 4.17 12.24 -14.51
C ALA A 63 2.77 12.08 -13.95
N ASP A 64 2.51 10.91 -13.38
CA ASP A 64 1.23 10.56 -12.74
C ASP A 64 1.56 9.92 -11.39
N LEU A 65 0.82 10.33 -10.37
CA LEU A 65 0.94 9.79 -9.02
C LEU A 65 0.71 8.28 -8.95
N ALA A 66 -0.10 7.76 -9.88
CA ALA A 66 -0.44 6.33 -9.92
C ALA A 66 0.71 5.43 -10.41
N ASP A 67 1.79 6.02 -10.90
CA ASP A 67 2.92 5.27 -11.47
C ASP A 67 4.16 5.33 -10.58
N GLU A 68 4.64 4.17 -10.13
CA GLU A 68 5.83 4.15 -9.27
C GLU A 68 7.00 4.80 -9.97
N GLY A 69 7.73 5.63 -9.22
CA GLY A 69 8.92 6.30 -9.71
C GLY A 69 8.76 7.40 -10.74
N SER A 70 7.52 7.74 -11.15
CA SER A 70 7.32 8.68 -12.28
C SER A 70 7.85 10.12 -12.07
N PHE A 71 8.14 10.51 -10.83
CA PHE A 71 8.66 11.85 -10.51
C PHE A 71 10.18 11.87 -10.29
N ASP A 72 10.83 10.71 -10.39
CA ASP A 72 12.27 10.62 -10.19
C ASP A 72 13.07 11.61 -11.03
N GLU A 73 12.77 11.63 -12.34
CA GLU A 73 13.54 12.45 -13.28
C GLU A 73 13.35 13.94 -13.02
N ALA A 74 12.10 14.36 -12.92
CA ALA A 74 11.77 15.76 -12.63
C ALA A 74 12.37 16.26 -11.32
N ILE A 75 12.47 15.39 -10.32
CA ILE A 75 12.98 15.76 -9.00
C ILE A 75 14.53 15.70 -8.89
N LYS A 76 15.16 14.74 -9.57
CA LYS A 76 16.63 14.68 -9.60
C LYS A 76 17.17 16.04 -10.04
N GLY A 77 18.07 16.61 -9.25
CA GLY A 77 18.66 17.91 -9.55
C GLY A 77 18.04 19.09 -8.80
N CYS A 78 16.80 18.90 -8.33
CA CYS A 78 16.07 19.97 -7.65
C CYS A 78 16.58 20.17 -6.24
N THR A 79 16.61 21.43 -5.86
CA THR A 79 16.89 21.89 -4.52
C THR A 79 15.63 21.93 -3.64
N GLY A 80 14.46 21.94 -4.27
CA GLY A 80 13.19 22.01 -3.55
C GLY A 80 12.06 21.41 -4.36
N VAL A 81 11.04 20.91 -3.66
CA VAL A 81 9.86 20.31 -4.30
C VAL A 81 8.59 20.82 -3.62
N PHE A 82 7.62 21.23 -4.44
CA PHE A 82 6.26 21.57 -4.01
C PHE A 82 5.33 20.51 -4.57
N HIS A 83 4.74 19.73 -3.66
CA HIS A 83 3.86 18.66 -4.06
C HIS A 83 2.41 19.14 -3.88
N VAL A 84 1.91 19.57 -5.01
CA VAL A 84 0.63 20.28 -5.10
C VAL A 84 -0.39 19.36 -5.81
N ALA A 85 0.09 18.47 -6.69
CA ALA A 85 -0.81 17.59 -7.45
C ALA A 85 -1.63 16.65 -6.56
N THR A 86 -2.90 16.45 -6.94
CA THR A 86 -3.76 15.48 -6.24
C THR A 86 -5.03 15.17 -7.07
N PRO A 87 -5.55 13.93 -6.97
CA PRO A 87 -6.84 13.52 -7.54
C PRO A 87 -8.06 14.20 -6.89
N MET A 88 -8.81 14.98 -7.68
CA MET A 88 -9.85 15.87 -7.13
C MET A 88 -11.31 15.40 -7.33
N ASP A 89 -11.52 14.13 -7.70
CA ASP A 89 -12.87 13.60 -7.89
C ASP A 89 -13.61 13.36 -6.56
N PHE A 90 -14.73 14.03 -6.38
CA PHE A 90 -15.60 13.83 -5.22
C PHE A 90 -16.62 12.74 -5.51
N GLU A 91 -16.76 12.38 -6.79
CA GLU A 91 -17.84 11.50 -7.25
C GLU A 91 -17.34 10.15 -7.79
N SER A 92 -16.24 9.65 -7.26
CA SER A 92 -15.66 8.37 -7.74
C SER A 92 -16.42 7.13 -7.25
N LYS A 93 -16.66 6.18 -8.16
CA LYS A 93 -17.34 4.92 -7.81
C LYS A 93 -16.37 3.90 -7.22
N ASP A 94 -15.09 4.20 -7.31
CA ASP A 94 -14.06 3.39 -6.69
C ASP A 94 -13.07 4.30 -5.98
N PRO A 95 -13.48 4.91 -4.85
CA PRO A 95 -12.66 5.86 -4.08
C PRO A 95 -11.30 5.32 -3.67
N GLU A 96 -11.29 4.08 -3.20
CA GLU A 96 -10.07 3.50 -2.69
C GLU A 96 -8.99 3.44 -3.77
N ASN A 97 -9.37 3.05 -4.99
CA ASN A 97 -8.40 2.89 -6.07
C ASN A 97 -8.18 4.15 -6.90
N GLU A 98 -9.23 4.91 -7.14
CA GLU A 98 -9.14 6.09 -8.00
C GLU A 98 -8.66 7.34 -7.26
N VAL A 99 -8.71 7.35 -5.93
CA VAL A 99 -8.40 8.56 -5.14
C VAL A 99 -7.46 8.29 -3.96
N ILE A 100 -7.93 7.49 -2.99
CA ILE A 100 -7.20 7.32 -1.73
C ILE A 100 -5.80 6.70 -1.94
N LYS A 101 -5.74 5.54 -2.59
CA LYS A 101 -4.47 4.83 -2.79
C LYS A 101 -3.42 5.66 -3.56
N PRO A 102 -3.79 6.21 -4.74
CA PRO A 102 -2.85 7.07 -5.47
C PRO A 102 -2.42 8.36 -4.76
N THR A 103 -3.30 8.96 -3.96
CA THR A 103 -2.90 10.12 -3.16
C THR A 103 -1.83 9.74 -2.15
N ILE A 104 -2.04 8.62 -1.45
CA ILE A 104 -1.08 8.17 -0.42
C ILE A 104 0.23 7.65 -1.04
N GLU A 105 0.09 6.79 -2.03
CA GLU A 105 1.24 6.16 -2.63
C GLU A 105 2.05 7.17 -3.45
N GLY A 106 1.36 8.04 -4.20
CA GLY A 106 2.03 9.15 -4.89
C GLY A 106 2.84 10.02 -3.96
N MET A 107 2.26 10.34 -2.80
CA MET A 107 2.93 11.13 -1.77
C MET A 107 4.25 10.47 -1.35
N LEU A 108 4.19 9.21 -0.97
CA LEU A 108 5.37 8.46 -0.50
C LEU A 108 6.37 8.24 -1.61
N GLY A 109 5.87 7.98 -2.81
CA GLY A 109 6.71 7.94 -4.02
C GLY A 109 7.51 9.23 -4.22
N ILE A 110 6.86 10.38 -4.04
CA ILE A 110 7.54 11.66 -4.21
C ILE A 110 8.60 11.89 -3.14
N MET A 111 8.35 11.42 -1.93
CA MET A 111 9.33 11.50 -0.84
C MET A 111 10.53 10.59 -1.12
N LYS A 112 10.25 9.41 -1.67
CA LYS A 112 11.32 8.50 -2.09
C LYS A 112 12.11 9.11 -3.24
N SER A 113 11.41 9.72 -4.21
CA SER A 113 12.06 10.38 -5.35
C SER A 113 12.99 11.52 -4.90
N CYS A 114 12.62 12.23 -3.84
CA CYS A 114 13.48 13.26 -3.25
C CYS A 114 14.71 12.66 -2.60
N ALA A 115 14.49 11.54 -1.90
CA ALA A 115 15.58 10.79 -1.25
C ALA A 115 16.57 10.28 -2.29
N ALA A 116 16.06 9.70 -3.35
CA ALA A 116 16.90 9.27 -4.47
C ALA A 116 17.71 10.42 -5.09
N ALA A 117 17.09 11.60 -5.18
CA ALA A 117 17.74 12.79 -5.77
C ALA A 117 19.01 13.28 -5.04
N LYS A 118 19.00 13.26 -3.70
CA LYS A 118 20.11 13.75 -2.83
C LYS A 118 20.31 15.27 -2.83
N THR A 119 19.59 15.97 -3.71
CA THR A 119 19.75 17.40 -3.92
C THR A 119 18.65 18.22 -3.22
N VAL A 120 17.51 17.59 -2.93
CA VAL A 120 16.35 18.30 -2.40
C VAL A 120 16.55 18.65 -0.93
N ARG A 121 16.67 19.94 -0.62
CA ARG A 121 16.86 20.29 0.77
C ARG A 121 15.56 20.46 1.57
N ARG A 122 14.46 20.74 0.89
CA ARG A 122 13.15 20.78 1.54
C ARG A 122 12.04 20.35 0.59
N LEU A 123 11.12 19.51 1.10
CA LEU A 123 9.87 19.14 0.44
C LEU A 123 8.70 19.83 1.15
N VAL A 124 7.92 20.61 0.40
CA VAL A 124 6.70 21.22 0.90
C VAL A 124 5.48 20.51 0.29
N PHE A 125 4.61 20.02 1.17
CA PHE A 125 3.36 19.39 0.75
C PHE A 125 2.14 20.27 1.02
N THR A 126 1.28 20.41 0.02
CA THR A 126 0.02 21.10 0.20
C THR A 126 -1.00 20.13 0.75
N SER A 127 -1.23 20.19 2.06
CA SER A 127 -2.23 19.34 2.68
C SER A 127 -3.61 19.99 2.48
N SER A 128 -4.51 19.76 3.43
CA SER A 128 -5.89 20.19 3.30
C SER A 128 -6.50 20.40 4.70
N ALA A 129 -7.38 21.38 4.83
CA ALA A 129 -8.11 21.60 6.08
C ALA A 129 -9.00 20.39 6.41
N GLY A 130 -9.30 19.59 5.38
CA GLY A 130 -10.00 18.32 5.50
C GLY A 130 -9.31 17.32 6.38
N THR A 131 -8.00 17.52 6.57
CA THR A 131 -7.20 16.71 7.48
C THR A 131 -7.25 17.21 8.91
N VAL A 132 -7.95 18.33 9.14
CA VAL A 132 -7.96 18.97 10.46
C VAL A 132 -9.32 18.90 11.17
N ASN A 133 -10.37 19.43 10.55
CA ASN A 133 -11.66 19.64 11.26
C ASN A 133 -12.83 18.78 10.79
N ILE A 134 -12.56 17.59 10.25
CA ILE A 134 -13.63 16.66 9.94
C ILE A 134 -13.88 15.76 11.16
N GLN A 135 -14.74 16.28 12.02
CA GLN A 135 -15.29 15.53 13.14
C GLN A 135 -16.64 16.09 13.52
N GLU A 136 -17.38 15.29 14.26
CA GLU A 136 -18.78 15.60 14.48
C GLU A 136 -18.94 16.90 15.25
N HIS A 137 -18.20 17.09 16.33
CA HIS A 137 -18.25 18.38 17.03
C HIS A 137 -17.14 19.31 16.54
N GLN A 138 -17.55 20.52 16.15
CA GLN A 138 -16.64 21.58 15.72
C GLN A 138 -16.14 22.41 16.90
N LEU A 139 -14.83 22.41 17.12
CA LEU A 139 -14.23 23.37 18.05
C LEU A 139 -14.32 24.79 17.54
N PRO A 140 -14.26 25.77 18.45
CA PRO A 140 -14.31 27.16 18.00
C PRO A 140 -13.10 27.60 17.18
N VAL A 141 -11.93 27.06 17.47
CA VAL A 141 -10.73 27.44 16.74
C VAL A 141 -9.90 26.19 16.55
N TYR A 142 -9.39 25.96 15.33
CA TYR A 142 -8.45 24.82 15.07
C TYR A 142 -7.02 25.33 14.94
N ASP A 143 -6.06 24.50 15.39
CA ASP A 143 -4.67 24.73 15.13
C ASP A 143 -4.02 23.43 14.59
N GLU A 144 -2.70 23.44 14.48
CA GLU A 144 -1.91 22.37 13.86
C GLU A 144 -1.86 21.08 14.68
N SER A 145 -2.28 21.13 15.94
CA SER A 145 -2.36 19.91 16.73
C SER A 145 -3.59 19.08 16.34
N CYS A 146 -4.55 19.68 15.61
CA CYS A 146 -5.82 19.02 15.34
C CYS A 146 -5.82 18.16 14.06
N TRP A 147 -6.30 16.92 14.19
CA TRP A 147 -6.41 15.96 13.06
C TRP A 147 -7.86 15.47 12.95
N SER A 148 -8.28 15.22 11.71
CA SER A 148 -9.61 14.69 11.42
C SER A 148 -9.85 13.26 11.95
N ASP A 149 -11.12 12.95 12.13
CA ASP A 149 -11.64 11.67 12.61
C ASP A 149 -12.05 10.83 11.39
N MET A 150 -11.20 9.86 11.03
CA MET A 150 -11.44 9.10 9.80
C MET A 150 -12.68 8.19 9.89
N GLU A 151 -12.99 7.69 11.09
CA GLU A 151 -14.15 6.84 11.31
C GLU A 151 -15.42 7.63 11.03
N PHE A 152 -15.47 8.86 11.53
CA PHE A 152 -16.62 9.76 11.31
C PHE A 152 -16.77 10.14 9.82
N CYS A 153 -15.67 10.53 9.21
CA CYS A 153 -15.66 10.88 7.80
C CYS A 153 -16.19 9.76 6.89
N ARG A 154 -15.67 8.56 7.06
CA ARG A 154 -16.13 7.42 6.25
C ARG A 154 -17.59 7.04 6.50
N ALA A 155 -18.07 7.28 7.72
CA ALA A 155 -19.41 6.90 8.13
C ALA A 155 -20.44 7.90 7.64
N LYS A 156 -20.11 9.18 7.79
CA LYS A 156 -21.00 10.28 7.44
C LYS A 156 -21.12 10.50 5.93
N LYS A 157 -20.02 10.27 5.21
CA LYS A 157 -19.94 10.50 3.76
C LYS A 157 -20.53 11.84 3.34
N MET A 158 -20.14 12.90 4.04
CA MET A 158 -20.44 14.25 3.59
C MET A 158 -19.76 14.49 2.24
N THR A 159 -20.21 15.52 1.53
CA THR A 159 -19.55 15.92 0.30
C THR A 159 -18.03 15.95 0.50
N ALA A 160 -17.32 15.40 -0.47
CA ALA A 160 -15.84 15.37 -0.47
C ALA A 160 -15.20 14.43 0.54
N TRP A 161 -15.98 13.56 1.18
CA TRP A 161 -15.38 12.68 2.19
C TRP A 161 -14.16 11.92 1.69
N MET A 162 -14.21 11.41 0.46
CA MET A 162 -13.12 10.55 -0.04
C MET A 162 -11.85 11.37 -0.24
N TYR A 163 -12.05 12.61 -0.69
CA TYR A 163 -10.97 13.58 -0.82
C TYR A 163 -10.31 13.88 0.54
N PHE A 164 -11.13 14.17 1.56
CA PHE A 164 -10.62 14.44 2.91
C PHE A 164 -9.85 13.24 3.44
N VAL A 165 -10.35 12.04 3.19
CA VAL A 165 -9.64 10.81 3.63
C VAL A 165 -8.29 10.68 2.96
N SER A 166 -8.24 10.82 1.63
CA SER A 166 -7.01 10.71 0.89
C SER A 166 -5.96 11.69 1.41
N LYS A 167 -6.36 12.94 1.68
CA LYS A 167 -5.40 13.94 2.13
C LYS A 167 -4.93 13.70 3.56
N THR A 168 -5.80 13.17 4.41
CA THR A 168 -5.43 12.96 5.83
C THR A 168 -4.42 11.81 5.92
N LEU A 169 -4.78 10.71 5.29
CA LEU A 169 -3.94 9.50 5.27
C LEU A 169 -2.60 9.72 4.60
N ALA A 170 -2.62 10.45 3.50
CA ALA A 170 -1.37 10.85 2.84
C ALA A 170 -0.48 11.70 3.75
N GLU A 171 -1.01 12.72 4.44
CA GLU A 171 -0.15 13.53 5.32
C GLU A 171 0.43 12.73 6.52
N GLN A 172 -0.39 11.88 7.12
CA GLN A 172 0.05 11.07 8.25
C GLN A 172 1.16 10.07 7.81
N ALA A 173 0.95 9.45 6.64
CA ALA A 173 1.96 8.59 6.00
C ALA A 173 3.26 9.33 5.78
N ALA A 174 3.15 10.54 5.25
CA ALA A 174 4.31 11.35 4.92
C ALA A 174 5.10 11.75 6.15
N TRP A 175 4.40 12.13 7.22
CA TRP A 175 5.08 12.47 8.47
C TRP A 175 5.79 11.27 9.08
N LYS A 176 5.18 10.09 8.93
CA LYS A 176 5.79 8.84 9.35
C LYS A 176 7.09 8.63 8.61
N TYR A 177 7.04 8.69 7.28
CA TYR A 177 8.24 8.57 6.44
C TYR A 177 9.30 9.60 6.81
N ALA A 178 8.88 10.85 6.98
CA ALA A 178 9.83 11.94 7.19
C ALA A 178 10.53 11.81 8.52
N LYS A 179 9.80 11.40 9.55
CA LYS A 179 10.38 11.22 10.87
C LYS A 179 11.39 10.07 10.87
N GLU A 180 11.02 8.98 10.21
CA GLU A 180 11.87 7.80 10.16
C GLU A 180 13.09 7.95 9.24
N ASN A 181 13.07 8.92 8.33
CA ASN A 181 14.20 9.13 7.42
C ASN A 181 14.89 10.49 7.56
N ASN A 182 14.55 11.22 8.63
CA ASN A 182 15.13 12.54 8.89
C ASN A 182 15.04 13.48 7.69
N ILE A 183 13.83 13.57 7.11
CA ILE A 183 13.57 14.35 5.89
C ILE A 183 13.04 15.73 6.23
N ASP A 184 13.62 16.78 5.66
CA ASP A 184 13.14 18.13 5.93
C ASP A 184 11.83 18.37 5.18
N PHE A 185 10.73 18.20 5.90
CA PHE A 185 9.38 18.14 5.34
C PHE A 185 8.44 19.15 6.05
N ILE A 186 7.69 19.90 5.25
CA ILE A 186 6.81 20.94 5.75
C ILE A 186 5.47 20.74 5.05
N THR A 187 4.38 20.88 5.80
CA THR A 187 3.01 20.84 5.22
C THR A 187 2.34 22.17 5.47
N ILE A 188 1.52 22.55 4.49
CA ILE A 188 0.71 23.76 4.52
C ILE A 188 -0.73 23.30 4.38
N ILE A 189 -1.57 23.82 5.27
CA ILE A 189 -2.93 23.40 5.39
C ILE A 189 -3.81 24.62 5.03
N PRO A 190 -4.17 24.74 3.75
CA PRO A 190 -5.13 25.80 3.37
C PRO A 190 -6.54 25.44 3.73
N THR A 191 -7.40 26.45 3.85
CA THR A 191 -8.83 26.21 4.06
C THR A 191 -9.47 26.25 2.65
N LEU A 192 -10.44 27.11 2.38
CA LEU A 192 -10.95 27.18 1.01
C LEU A 192 -10.18 28.28 0.27
N VAL A 193 -9.53 27.89 -0.82
CA VAL A 193 -8.71 28.84 -1.57
C VAL A 193 -9.58 29.52 -2.65
N VAL A 194 -9.57 30.83 -2.64
CA VAL A 194 -10.44 31.65 -3.50
C VAL A 194 -9.66 32.84 -4.08
N GLY A 195 -9.92 33.14 -5.35
CA GLY A 195 -9.30 34.28 -5.99
C GLY A 195 -9.26 34.23 -7.48
N PRO A 196 -8.59 35.20 -8.07
CA PRO A 196 -8.36 35.12 -9.51
C PRO A 196 -7.39 33.97 -9.81
N PHE A 197 -7.23 33.65 -11.09
CA PHE A 197 -6.48 32.48 -11.51
C PHE A 197 -6.13 32.57 -12.97
N ILE A 198 -5.19 31.74 -13.38
CA ILE A 198 -4.67 31.80 -14.75
C ILE A 198 -5.06 30.59 -15.58
N MET A 199 -5.60 29.56 -14.96
CA MET A 199 -6.03 28.38 -15.69
C MET A 199 -7.33 28.71 -16.40
N SER A 200 -7.71 27.84 -17.33
CA SER A 200 -8.79 28.15 -18.29
C SER A 200 -10.13 27.54 -17.92
N SER A 201 -10.10 26.49 -17.12
CA SER A 201 -11.28 25.79 -16.67
C SER A 201 -11.64 26.18 -15.23
N MET A 202 -12.77 25.66 -14.76
CA MET A 202 -13.29 25.99 -13.43
C MET A 202 -12.42 25.35 -12.34
N PRO A 203 -11.79 26.17 -11.47
CA PRO A 203 -11.14 25.63 -10.30
C PRO A 203 -12.10 24.80 -9.42
N PRO A 204 -11.69 23.57 -9.05
CA PRO A 204 -12.46 22.72 -8.15
C PRO A 204 -12.99 23.44 -6.91
N SER A 205 -12.12 24.15 -6.18
CA SER A 205 -12.56 24.88 -5.00
C SER A 205 -13.56 26.01 -5.25
N LEU A 206 -13.58 26.54 -6.48
CA LEU A 206 -14.54 27.62 -6.80
C LEU A 206 -15.94 27.06 -7.02
N ILE A 207 -16.04 25.77 -7.33
CA ILE A 207 -17.32 25.06 -7.34
C ILE A 207 -17.92 25.21 -5.96
N THR A 208 -17.10 24.95 -4.93
CA THR A 208 -17.53 25.09 -3.54
C THR A 208 -17.76 26.56 -3.18
N ALA A 209 -16.78 27.41 -3.49
CA ALA A 209 -16.76 28.78 -2.99
C ALA A 209 -17.89 29.61 -3.59
N LEU A 210 -18.21 29.35 -4.86
CA LEU A 210 -19.27 30.11 -5.55
C LEU A 210 -20.60 29.34 -5.60
N SER A 211 -20.76 28.35 -4.72
CA SER A 211 -22.01 27.57 -4.64
C SER A 211 -23.25 28.41 -4.29
N PRO A 212 -23.10 29.47 -3.47
CA PRO A 212 -24.24 30.38 -3.22
C PRO A 212 -24.77 31.07 -4.48
N ILE A 213 -23.90 31.28 -5.47
CA ILE A 213 -24.32 31.85 -6.74
C ILE A 213 -24.87 30.78 -7.67
N THR A 214 -24.18 29.64 -7.75
CA THR A 214 -24.60 28.56 -8.63
C THR A 214 -25.76 27.72 -8.08
N GLY A 215 -26.04 27.81 -6.79
CA GLY A 215 -27.02 26.95 -6.15
C GLY A 215 -26.61 25.50 -5.99
N ASN A 216 -25.30 25.22 -6.00
CA ASN A 216 -24.81 23.87 -5.78
C ASN A 216 -24.87 23.55 -4.28
N GLU A 217 -26.08 23.26 -3.81
CA GLU A 217 -26.35 23.12 -2.38
C GLU A 217 -25.54 22.00 -1.74
N ALA A 218 -25.15 21.01 -2.53
CA ALA A 218 -24.30 19.91 -2.06
C ALA A 218 -22.93 20.36 -1.51
N HIS A 219 -22.46 21.52 -1.95
CA HIS A 219 -21.18 22.06 -1.44
C HIS A 219 -21.35 22.99 -0.25
N TYR A 220 -22.59 23.31 0.10
CA TYR A 220 -22.87 24.16 1.28
C TYR A 220 -22.22 23.66 2.58
N SER A 221 -22.08 22.34 2.71
CA SER A 221 -21.60 21.71 3.94
C SER A 221 -20.16 22.12 4.30
N ILE A 222 -19.34 22.42 3.28
CA ILE A 222 -17.96 22.90 3.49
C ILE A 222 -17.87 24.38 3.86
N ILE A 223 -18.83 25.17 3.39
CA ILE A 223 -18.86 26.62 3.69
C ILE A 223 -19.89 27.04 4.76
N ARG A 224 -20.66 26.08 5.28
CA ARG A 224 -21.64 26.34 6.35
C ARG A 224 -20.99 27.08 7.52
N GLN A 225 -19.88 26.53 8.01
CA GLN A 225 -18.97 27.27 8.87
C GLN A 225 -17.65 27.25 8.13
N GLY A 226 -17.39 28.31 7.38
CA GLY A 226 -16.33 28.32 6.36
C GLY A 226 -15.11 29.11 6.80
N GLN A 227 -13.96 28.76 6.19
CA GLN A 227 -12.72 29.52 6.35
C GLN A 227 -12.13 29.69 4.95
N PHE A 228 -11.40 30.79 4.73
CA PHE A 228 -10.96 31.13 3.40
C PHE A 228 -9.51 31.63 3.38
N VAL A 229 -8.86 31.47 2.23
CA VAL A 229 -7.59 32.09 1.99
C VAL A 229 -7.44 32.46 0.53
N HIS A 230 -6.82 33.63 0.27
CA HIS A 230 -6.62 34.15 -1.09
C HIS A 230 -5.51 33.37 -1.76
N LEU A 231 -5.74 32.97 -3.01
CA LEU A 231 -4.77 32.21 -3.80
C LEU A 231 -3.33 32.72 -3.73
N ASP A 232 -3.18 34.04 -3.85
CA ASP A 232 -1.87 34.69 -3.90
C ASP A 232 -1.20 34.70 -2.54
N ASP A 233 -1.95 35.01 -1.48
CA ASP A 233 -1.45 34.84 -0.10
C ASP A 233 -0.95 33.42 0.13
N LEU A 234 -1.76 32.43 -0.27
CA LEU A 234 -1.37 31.02 -0.13
C LEU A 234 -0.11 30.70 -0.88
N CYS A 235 -0.02 31.14 -2.13
CA CYS A 235 1.16 30.82 -2.91
C CYS A 235 2.39 31.51 -2.36
N ASN A 236 2.23 32.76 -1.92
CA ASN A 236 3.32 33.45 -1.22
C ASN A 236 3.75 32.71 0.06
N ALA A 237 2.78 32.12 0.78
CA ALA A 237 3.11 31.30 1.97
C ALA A 237 3.90 30.04 1.65
N HIS A 238 3.60 29.39 0.53
CA HIS A 238 4.40 28.22 0.09
C HIS A 238 5.88 28.59 -0.09
N ILE A 239 6.10 29.68 -0.82
CA ILE A 239 7.45 30.21 -1.09
C ILE A 239 8.11 30.60 0.23
N TYR A 240 7.40 31.35 1.06
CA TYR A 240 7.91 31.77 2.38
C TYR A 240 8.41 30.62 3.25
N LEU A 241 7.57 29.59 3.37
CA LEU A 241 7.92 28.40 4.18
C LEU A 241 9.02 27.53 3.56
N PHE A 242 9.12 27.51 2.23
CA PHE A 242 10.23 26.80 1.62
C PHE A 242 11.51 27.55 1.97
N GLU A 243 11.47 28.88 1.87
CA GLU A 243 12.67 29.71 2.07
C GLU A 243 13.11 29.91 3.53
N ASN A 244 12.16 29.97 4.47
CA ASN A 244 12.46 30.26 5.87
C ASN A 244 13.07 29.04 6.57
N PRO A 245 14.37 29.11 6.95
CA PRO A 245 15.04 27.93 7.51
C PRO A 245 14.48 27.52 8.88
N LYS A 246 13.81 28.46 9.56
CA LYS A 246 13.25 28.19 10.88
C LYS A 246 11.95 27.38 10.83
N ALA A 247 11.40 27.20 9.62
CA ALA A 247 10.14 26.48 9.44
C ALA A 247 10.23 25.02 9.87
N GLU A 248 9.22 24.56 10.59
CA GLU A 248 9.11 23.16 10.99
C GLU A 248 7.64 22.72 11.18
N GLY A 249 7.35 21.50 10.76
CA GLY A 249 6.05 20.89 11.01
C GLY A 249 4.97 21.35 10.03
N ARG A 250 3.74 21.41 10.56
CA ARG A 250 2.52 21.84 9.86
C ARG A 250 2.27 23.31 9.99
N TYR A 251 1.60 23.88 8.99
CA TYR A 251 1.25 25.30 9.00
C TYR A 251 -0.11 25.53 8.36
N ILE A 252 -1.05 25.93 9.19
CA ILE A 252 -2.33 26.45 8.71
C ILE A 252 -2.15 27.75 7.92
N CYS A 253 -2.88 27.89 6.81
CA CYS A 253 -2.89 29.09 6.02
C CYS A 253 -4.33 29.44 5.69
N SER A 254 -4.88 30.32 6.53
CA SER A 254 -6.27 30.71 6.51
C SER A 254 -6.40 32.12 7.11
N SER A 255 -6.99 33.05 6.36
CA SER A 255 -7.05 34.45 6.75
C SER A 255 -8.44 34.93 7.22
N HIS A 256 -9.51 34.24 6.82
CA HIS A 256 -10.89 34.66 7.12
C HIS A 256 -11.75 33.48 7.48
N ASP A 257 -12.72 33.72 8.37
CA ASP A 257 -13.76 32.74 8.71
C ASP A 257 -15.11 33.45 8.93
N CYS A 258 -16.17 32.82 8.45
CA CYS A 258 -17.54 33.32 8.62
C CYS A 258 -18.52 32.23 8.19
N ILE A 259 -19.77 32.33 8.65
CA ILE A 259 -20.78 31.35 8.27
C ILE A 259 -21.39 31.69 6.90
N ILE A 260 -22.03 30.70 6.30
CA ILE A 260 -22.57 30.77 4.93
C ILE A 260 -23.47 31.98 4.74
N LEU A 261 -24.21 32.27 5.82
CA LEU A 261 -25.07 33.45 5.92
C LEU A 261 -24.32 34.74 5.65
N ASP A 262 -23.17 34.87 6.31
CA ASP A 262 -22.32 36.07 6.19
C ASP A 262 -21.62 36.13 4.83
N LEU A 263 -21.23 34.97 4.30
CA LEU A 263 -20.66 34.91 2.94
C LEU A 263 -21.68 35.40 1.89
N ALA A 264 -22.85 34.78 1.88
CA ALA A 264 -23.94 35.12 0.95
C ALA A 264 -24.38 36.59 1.02
N LYS A 265 -24.30 37.19 2.21
CA LYS A 265 -24.64 38.60 2.37
C LYS A 265 -23.67 39.43 1.53
N MET A 266 -22.39 39.17 1.76
CA MET A 266 -21.31 39.85 1.07
C MET A 266 -21.48 39.70 -0.45
N LEU A 267 -21.79 38.48 -0.88
CA LEU A 267 -21.96 38.21 -2.31
C LEU A 267 -23.19 38.92 -2.88
N ARG A 268 -24.34 38.80 -2.21
CA ARG A 268 -25.55 39.55 -2.58
C ARG A 268 -25.24 41.04 -2.78
N GLU A 269 -24.51 41.63 -1.84
CA GLU A 269 -24.18 43.05 -1.88
C GLU A 269 -23.29 43.42 -3.08
N LYS A 270 -22.24 42.62 -3.33
CA LYS A 270 -21.34 42.86 -4.46
C LYS A 270 -21.96 42.46 -5.81
N TYR A 271 -22.86 41.48 -5.81
CA TYR A 271 -23.43 40.94 -7.05
C TYR A 271 -24.96 40.78 -7.00
N PRO A 272 -25.69 41.92 -7.09
CA PRO A 272 -27.15 41.96 -7.14
C PRO A 272 -27.76 41.18 -8.31
N GLU A 273 -26.99 41.03 -9.38
CA GLU A 273 -27.47 40.36 -10.60
C GLU A 273 -27.68 38.84 -10.50
N TYR A 274 -27.13 38.22 -9.45
CA TYR A 274 -27.24 36.78 -9.25
C TYR A 274 -28.32 36.47 -8.22
N ASN A 275 -28.96 35.30 -8.39
CA ASN A 275 -29.91 34.79 -7.42
C ASN A 275 -29.19 34.13 -6.25
N ILE A 276 -28.82 34.94 -5.26
CA ILE A 276 -28.14 34.44 -4.07
C ILE A 276 -29.15 34.44 -2.92
N PRO A 277 -29.41 33.26 -2.33
CA PRO A 277 -30.35 33.17 -1.21
C PRO A 277 -30.03 34.08 -0.03
N THR A 278 -31.04 34.28 0.81
CA THR A 278 -30.91 35.03 2.06
C THR A 278 -31.10 34.13 3.27
N GLU A 279 -31.40 32.86 3.03
CA GLU A 279 -31.62 31.89 4.11
C GLU A 279 -31.21 30.47 3.69
N PHE A 280 -30.64 29.73 4.65
CA PHE A 280 -30.11 28.40 4.37
C PHE A 280 -30.63 27.41 5.39
N LYS A 281 -31.11 26.27 4.90
CA LYS A 281 -31.67 25.21 5.73
C LYS A 281 -30.65 24.71 6.75
N GLY A 282 -31.08 24.62 8.01
CA GLY A 282 -30.23 24.14 9.11
C GLY A 282 -29.17 25.14 9.56
N VAL A 283 -29.37 26.42 9.23
CA VAL A 283 -28.38 27.44 9.54
C VAL A 283 -29.08 28.66 10.18
N ASP A 284 -28.49 29.16 11.27
CA ASP A 284 -29.08 30.24 12.06
C ASP A 284 -28.05 31.35 12.26
N GLU A 285 -28.52 32.57 12.49
CA GLU A 285 -27.64 33.70 12.82
C GLU A 285 -26.83 33.45 14.10
N ASN A 286 -27.29 32.52 14.93
CA ASN A 286 -26.59 32.14 16.14
C ASN A 286 -25.52 31.08 15.95
N LEU A 287 -25.43 30.50 14.75
CA LEU A 287 -24.40 29.50 14.46
C LEU A 287 -23.02 30.11 14.66
N LYS A 288 -22.21 29.39 15.43
CA LYS A 288 -20.81 29.70 15.70
C LYS A 288 -20.04 29.77 14.38
N SER A 289 -19.20 30.79 14.19
CA SER A 289 -18.21 30.75 13.11
C SER A 289 -17.03 29.95 13.68
N VAL A 290 -16.33 29.25 12.80
CA VAL A 290 -15.18 28.39 13.18
C VAL A 290 -13.90 28.97 12.57
N CYS A 291 -12.89 29.20 13.40
CA CYS A 291 -11.63 29.79 12.98
C CYS A 291 -10.52 28.76 12.84
N PHE A 292 -9.80 28.80 11.71
CA PHE A 292 -8.51 28.12 11.56
C PHE A 292 -7.44 29.20 11.85
N SER A 293 -6.64 28.96 12.90
CA SER A 293 -5.69 29.95 13.34
C SER A 293 -4.36 29.77 12.62
N SER A 294 -3.89 30.84 11.97
CA SER A 294 -2.62 30.85 11.23
C SER A 294 -1.51 31.52 12.07
N LYS A 295 -1.69 31.53 13.40
CA LYS A 295 -0.78 32.22 14.30
C LYS A 295 0.62 31.64 14.21
N LYS A 296 0.73 30.33 14.05
CA LYS A 296 2.03 29.69 13.87
C LYS A 296 2.76 30.31 12.66
N LEU A 297 2.02 30.52 11.57
CA LEU A 297 2.58 31.08 10.33
C LEU A 297 2.93 32.55 10.50
N THR A 298 2.02 33.35 11.05
CA THR A 298 2.29 34.77 11.23
C THR A 298 3.38 35.05 12.28
N ASP A 299 3.55 34.16 13.25
CA ASP A 299 4.62 34.25 14.26
C ASP A 299 6.03 34.17 13.63
N LEU A 300 6.16 33.45 12.51
CA LEU A 300 7.42 33.40 11.77
C LEU A 300 7.69 34.74 11.09
N GLY A 301 6.65 35.50 10.80
CA GLY A 301 6.80 36.78 10.13
C GLY A 301 5.99 36.90 8.85
N PHE A 302 5.25 35.85 8.48
CA PHE A 302 4.43 35.92 7.30
C PHE A 302 3.26 36.91 7.49
N GLU A 303 2.96 37.64 6.41
CA GLU A 303 1.85 38.56 6.41
C GLU A 303 0.85 38.29 5.29
N PHE A 304 -0.40 38.11 5.66
CA PHE A 304 -1.50 38.06 4.71
C PHE A 304 -1.71 39.49 4.21
N LYS A 305 -2.13 39.61 2.95
CA LYS A 305 -2.32 40.90 2.29
C LYS A 305 -3.72 41.13 1.72
N TYR A 306 -4.54 40.10 1.60
CA TYR A 306 -5.84 40.22 0.93
C TYR A 306 -7.02 39.99 1.85
N SER A 307 -8.17 40.53 1.43
CA SER A 307 -9.46 40.43 2.15
C SER A 307 -10.40 39.41 1.53
N LEU A 308 -11.41 38.99 2.29
CA LEU A 308 -12.47 38.14 1.73
C LEU A 308 -13.09 38.72 0.44
N GLU A 309 -13.24 40.04 0.40
CA GLU A 309 -13.84 40.72 -0.75
C GLU A 309 -12.92 40.67 -1.96
N ASP A 310 -11.63 40.87 -1.73
CA ASP A 310 -10.59 40.67 -2.75
C ASP A 310 -10.71 39.29 -3.41
N MET A 311 -10.82 38.24 -2.57
CA MET A 311 -10.87 36.85 -3.03
C MET A 311 -12.06 36.66 -3.94
N PHE A 312 -13.23 36.96 -3.42
CA PHE A 312 -14.44 36.64 -4.15
C PHE A 312 -14.65 37.48 -5.40
N THR A 313 -14.23 38.75 -5.37
N THR A 313 -14.25 38.75 -5.38
CA THR A 313 -14.32 39.62 -6.54
CA THR A 313 -14.37 39.58 -6.59
C THR A 313 -13.38 39.09 -7.62
C THR A 313 -13.38 39.12 -7.65
N GLY A 314 -12.15 38.80 -7.25
CA GLY A 314 -11.21 38.17 -8.16
C GLY A 314 -11.82 36.93 -8.78
N ALA A 315 -12.43 36.09 -7.93
CA ALA A 315 -12.94 34.80 -8.34
C ALA A 315 -13.97 34.91 -9.42
N VAL A 316 -14.94 35.78 -9.16
CA VAL A 316 -16.15 35.92 -9.97
C VAL A 316 -15.84 36.66 -11.27
N ASP A 317 -15.12 37.77 -11.11
CA ASP A 317 -14.61 38.55 -12.24
C ASP A 317 -13.81 37.71 -13.24
N THR A 318 -12.92 36.85 -12.72
CA THR A 318 -12.13 35.95 -13.57
C THR A 318 -13.03 34.91 -14.21
N CYS A 319 -13.90 34.29 -13.42
CA CYS A 319 -14.84 33.31 -13.97
C CYS A 319 -15.65 33.87 -15.15
N ARG A 320 -16.12 35.10 -14.97
CA ARG A 320 -16.87 35.79 -16.04
C ARG A 320 -16.00 35.96 -17.29
N ALA A 321 -14.84 36.59 -17.11
CA ALA A 321 -13.88 36.80 -18.17
C ALA A 321 -13.63 35.56 -19.01
N LYS A 322 -13.57 34.40 -18.35
CA LYS A 322 -13.31 33.12 -18.99
C LYS A 322 -14.58 32.34 -19.35
N GLY A 323 -15.72 32.98 -19.21
CA GLY A 323 -17.00 32.40 -19.61
C GLY A 323 -17.37 31.20 -18.78
N LEU A 324 -16.89 31.17 -17.54
CA LEU A 324 -17.20 30.09 -16.61
C LEU A 324 -18.40 30.44 -15.74
N LEU A 325 -18.72 31.73 -15.67
CA LEU A 325 -19.95 32.18 -15.03
C LEU A 325 -20.73 33.07 -15.99
N PRO A 326 -22.07 33.01 -15.94
CA PRO A 326 -22.85 33.96 -16.74
C PRO A 326 -22.76 35.39 -16.17
N PRO A 327 -22.96 36.41 -17.02
CA PRO A 327 -22.94 37.80 -16.53
C PRO A 327 -24.00 38.10 -15.46
N SER A 328 -25.09 37.34 -15.47
CA SER A 328 -26.18 37.51 -14.50
C SER A 328 -27.18 36.37 -14.62
N HIS A 329 -28.16 36.33 -13.71
CA HIS A 329 -29.22 35.32 -13.73
C HIS A 329 -30.58 35.89 -14.18
N SER B 5 23.51 -24.48 21.81
CA SER B 5 22.11 -24.31 21.29
C SER B 5 21.87 -22.86 20.90
N GLU B 6 21.80 -22.60 19.60
CA GLU B 6 21.42 -21.27 19.16
C GLU B 6 19.91 -21.10 19.12
N THR B 7 19.51 -19.83 19.22
CA THR B 7 18.12 -19.40 19.25
C THR B 7 17.67 -18.89 17.87
N VAL B 8 16.55 -19.44 17.36
CA VAL B 8 16.01 -19.04 16.07
C VAL B 8 14.53 -18.71 16.21
N CYS B 9 14.04 -17.80 15.38
CA CYS B 9 12.61 -17.47 15.34
C CYS B 9 11.91 -18.12 14.14
N VAL B 10 10.75 -18.75 14.37
CA VAL B 10 9.88 -19.25 13.31
C VAL B 10 8.54 -18.49 13.37
N THR B 11 8.21 -17.71 12.34
CA THR B 11 6.90 -17.04 12.23
C THR B 11 5.83 -17.99 11.67
N GLY B 12 4.56 -17.74 11.97
CA GLY B 12 3.48 -18.65 11.52
C GLY B 12 3.72 -20.07 12.01
N ALA B 13 4.15 -20.19 13.27
CA ALA B 13 4.52 -21.48 13.86
C ALA B 13 3.32 -22.41 14.08
N SER B 14 2.10 -21.86 14.08
CA SER B 14 0.89 -22.68 14.27
C SER B 14 0.52 -23.48 13.02
N GLY B 15 1.03 -23.06 11.87
CA GLY B 15 0.55 -23.59 10.57
C GLY B 15 1.16 -24.87 10.14
N PHE B 16 0.74 -25.30 8.94
CA PHE B 16 1.18 -26.57 8.34
C PHE B 16 2.67 -26.73 8.31
N ILE B 17 3.36 -25.81 7.62
CA ILE B 17 4.81 -25.87 7.52
C ILE B 17 5.48 -25.35 8.79
N GLY B 18 4.98 -24.26 9.34
CA GLY B 18 5.60 -23.69 10.56
C GLY B 18 5.76 -24.66 11.74
N SER B 19 4.68 -25.35 12.10
CA SER B 19 4.69 -26.26 13.26
C SER B 19 5.65 -27.45 13.05
N TRP B 20 5.68 -28.00 11.81
CA TRP B 20 6.63 -29.13 11.51
C TRP B 20 8.10 -28.69 11.62
N LEU B 21 8.33 -27.45 11.17
CA LEU B 21 9.66 -26.85 11.15
C LEU B 21 10.11 -26.65 12.59
N VAL B 22 9.23 -26.15 13.45
CA VAL B 22 9.54 -25.98 14.88
C VAL B 22 9.92 -27.35 15.45
N MET B 23 9.12 -28.37 15.14
CA MET B 23 9.38 -29.73 15.61
C MET B 23 10.78 -30.21 15.21
N ARG B 24 11.17 -30.06 13.95
CA ARG B 24 12.47 -30.49 13.47
C ARG B 24 13.61 -29.65 14.07
N LEU B 25 13.37 -28.35 14.21
CA LEU B 25 14.34 -27.46 14.86
C LEU B 25 14.60 -27.86 16.32
N LEU B 26 13.54 -28.13 17.06
CA LEU B 26 13.64 -28.55 18.45
C LEU B 26 14.41 -29.87 18.53
N GLU B 27 14.07 -30.82 17.65
N GLU B 27 14.05 -30.81 17.64
CA GLU B 27 14.75 -32.12 17.59
CA GLU B 27 14.70 -32.14 17.51
C GLU B 27 16.24 -31.99 17.31
C GLU B 27 16.21 -32.00 17.29
N ARG B 28 16.62 -31.00 16.52
CA ARG B 28 18.03 -30.76 16.19
C ARG B 28 18.81 -29.97 17.26
N GLY B 29 18.21 -29.71 18.42
CA GLY B 29 18.87 -29.01 19.52
C GLY B 29 18.77 -27.50 19.54
N TYR B 30 17.96 -26.92 18.67
CA TYR B 30 17.76 -25.46 18.67
C TYR B 30 16.82 -25.03 19.78
N THR B 31 17.09 -23.88 20.27
CA THR B 31 16.15 -23.12 21.09
C THR B 31 15.28 -22.27 20.17
N VAL B 32 13.97 -22.35 20.30
CA VAL B 32 13.09 -21.86 19.26
C VAL B 32 12.10 -20.89 19.81
N ARG B 33 11.94 -19.77 19.11
CA ARG B 33 10.91 -18.79 19.38
C ARG B 33 9.88 -18.82 18.27
N ALA B 34 8.63 -19.14 18.64
CA ALA B 34 7.54 -19.32 17.67
C ALA B 34 6.54 -18.17 17.79
N THR B 35 6.15 -17.57 16.66
CA THR B 35 5.21 -16.46 16.71
C THR B 35 3.85 -16.91 16.21
N VAL B 36 2.82 -16.30 16.81
CA VAL B 36 1.45 -16.60 16.50
C VAL B 36 0.66 -15.31 16.65
N ARG B 37 -0.45 -15.19 15.93
CA ARG B 37 -1.28 -14.01 16.11
C ARG B 37 -2.04 -14.03 17.44
N ASP B 38 -2.43 -15.23 17.88
CA ASP B 38 -3.30 -15.39 19.06
C ASP B 38 -2.80 -16.56 19.92
N PRO B 39 -1.97 -16.26 20.93
CA PRO B 39 -1.48 -17.31 21.82
C PRO B 39 -2.55 -17.96 22.73
N THR B 40 -3.76 -17.43 22.77
CA THR B 40 -4.82 -18.04 23.60
C THR B 40 -5.62 -19.08 22.85
N ASN B 41 -5.32 -19.24 21.56
CA ASN B 41 -6.00 -20.23 20.75
C ASN B 41 -5.38 -21.60 20.99
N VAL B 42 -6.12 -22.40 21.75
CA VAL B 42 -5.71 -23.75 22.15
C VAL B 42 -5.54 -24.64 20.93
N LYS B 43 -6.38 -24.42 19.92
CA LYS B 43 -6.27 -25.15 18.65
C LYS B 43 -4.96 -24.87 17.90
N LYS B 44 -4.40 -23.67 18.10
CA LYS B 44 -3.19 -23.24 17.39
C LYS B 44 -1.90 -23.40 18.20
N VAL B 45 -1.99 -23.59 19.54
CA VAL B 45 -0.79 -23.68 20.39
C VAL B 45 -0.55 -25.01 21.06
N LYS B 46 -1.60 -25.83 21.21
CA LYS B 46 -1.46 -27.05 21.99
C LYS B 46 -0.51 -27.99 21.29
N HIS B 47 -0.63 -28.08 19.96
CA HIS B 47 0.26 -28.96 19.20
C HIS B 47 1.75 -28.56 19.29
N LEU B 48 2.02 -27.26 19.49
CA LEU B 48 3.41 -26.79 19.67
C LEU B 48 3.93 -27.11 21.05
N LEU B 49 3.12 -26.84 22.06
CA LEU B 49 3.51 -27.08 23.43
C LEU B 49 3.66 -28.59 23.76
N ASP B 50 2.91 -29.44 23.07
CA ASP B 50 3.13 -30.90 23.15
C ASP B 50 4.45 -31.40 22.57
N LEU B 51 5.21 -30.56 21.87
CA LEU B 51 6.41 -31.06 21.22
C LEU B 51 7.47 -31.40 22.23
N PRO B 52 8.24 -32.48 21.96
CA PRO B 52 9.32 -32.79 22.88
C PRO B 52 10.35 -31.66 22.92
N LYS B 53 10.56 -31.12 24.13
CA LYS B 53 11.53 -30.07 24.46
C LYS B 53 10.90 -28.68 24.50
N ALA B 54 9.57 -28.63 24.39
CA ALA B 54 8.83 -27.37 24.34
C ALA B 54 8.84 -26.61 25.66
N GLU B 55 8.72 -27.33 26.78
CA GLU B 55 8.76 -26.64 28.06
C GLU B 55 10.13 -25.99 28.29
N THR B 56 11.23 -26.66 27.91
CA THR B 56 12.56 -26.06 28.09
C THR B 56 13.07 -25.20 26.91
N HIS B 57 12.70 -25.51 25.67
CA HIS B 57 13.28 -24.85 24.47
C HIS B 57 12.33 -24.06 23.54
N LEU B 58 11.06 -24.06 23.84
CA LEU B 58 10.12 -23.29 23.03
C LEU B 58 9.58 -22.12 23.81
N THR B 59 9.49 -20.97 23.14
CA THR B 59 8.75 -19.84 23.66
C THR B 59 7.76 -19.35 22.61
N LEU B 60 6.71 -18.68 23.11
CA LEU B 60 5.66 -18.16 22.26
C LEU B 60 5.69 -16.62 22.25
N TRP B 61 5.37 -16.06 21.09
CA TRP B 61 5.42 -14.60 20.87
C TRP B 61 4.26 -14.18 20.01
N LYS B 62 3.58 -13.13 20.45
CA LYS B 62 2.43 -12.60 19.73
C LYS B 62 2.96 -11.59 18.71
N ALA B 63 2.68 -11.84 17.44
CA ALA B 63 3.03 -10.93 16.37
C ALA B 63 2.05 -11.09 15.21
N ASP B 64 1.84 -9.98 14.49
CA ASP B 64 0.96 -9.95 13.30
C ASP B 64 1.62 -9.09 12.21
N LEU B 65 1.58 -9.59 10.97
CA LEU B 65 2.18 -8.92 9.81
C LEU B 65 1.64 -7.53 9.56
N ALA B 66 0.36 -7.33 9.89
CA ALA B 66 -0.28 -6.03 9.82
C ALA B 66 0.22 -5.02 10.89
N ASP B 67 0.84 -5.52 11.97
CA ASP B 67 1.35 -4.67 13.05
C ASP B 67 2.82 -4.35 12.85
N GLU B 68 3.12 -3.10 12.49
CA GLU B 68 4.50 -2.64 12.28
C GLU B 68 5.38 -2.89 13.50
N GLY B 69 6.50 -3.58 13.29
CA GLY B 69 7.46 -3.82 14.36
C GLY B 69 7.08 -4.91 15.35
N SER B 70 5.96 -5.62 15.14
CA SER B 70 5.53 -6.66 16.09
C SER B 70 6.47 -7.87 16.19
N PHE B 71 7.33 -8.05 15.20
CA PHE B 71 8.33 -9.14 15.24
C PHE B 71 9.67 -8.80 15.87
N ASP B 72 9.87 -7.52 16.21
N ASP B 72 9.88 -7.55 16.25
CA ASP B 72 11.15 -7.01 16.75
CA ASP B 72 11.21 -7.15 16.67
C ASP B 72 11.68 -7.84 17.92
C ASP B 72 11.70 -7.85 17.93
N GLU B 73 10.84 -7.92 18.96
CA GLU B 73 11.20 -8.58 20.23
C GLU B 73 11.58 -10.04 20.06
N ALA B 74 10.77 -10.75 19.28
CA ALA B 74 11.02 -12.15 18.96
C ALA B 74 12.32 -12.33 18.20
N ILE B 75 12.65 -11.41 17.29
CA ILE B 75 13.88 -11.52 16.48
C ILE B 75 15.18 -11.16 17.24
N LYS B 76 15.10 -10.15 18.10
CA LYS B 76 16.29 -9.71 18.84
C LYS B 76 16.93 -10.85 19.59
N GLY B 77 18.23 -11.06 19.41
CA GLY B 77 18.94 -12.14 20.06
C GLY B 77 19.08 -13.46 19.31
N CYS B 78 18.36 -13.62 18.20
CA CYS B 78 18.41 -14.86 17.40
C CYS B 78 19.62 -14.92 16.47
N THR B 79 20.07 -16.14 16.18
CA THR B 79 21.06 -16.35 15.12
C THR B 79 20.42 -16.49 13.73
N GLY B 80 19.09 -16.66 13.69
CA GLY B 80 18.37 -17.03 12.47
C GLY B 80 16.89 -16.75 12.54
N VAL B 81 16.31 -16.43 11.40
CA VAL B 81 14.88 -16.20 11.32
C VAL B 81 14.28 -16.97 10.14
N PHE B 82 13.18 -17.69 10.38
CA PHE B 82 12.45 -18.36 9.31
C PHE B 82 11.10 -17.69 9.20
N HIS B 83 10.95 -16.94 8.14
CA HIS B 83 9.69 -16.24 7.91
C HIS B 83 8.75 -17.08 7.04
N VAL B 84 7.87 -17.81 7.75
CA VAL B 84 6.96 -18.79 7.18
C VAL B 84 5.51 -18.25 7.13
N ALA B 85 5.16 -17.36 8.07
CA ALA B 85 3.78 -16.79 8.13
C ALA B 85 3.37 -16.03 6.89
N THR B 86 2.07 -16.14 6.57
CA THR B 86 1.46 -15.41 5.47
C THR B 86 -0.06 -15.50 5.58
N PRO B 87 -0.78 -14.44 5.15
CA PRO B 87 -2.22 -14.57 5.00
C PRO B 87 -2.62 -15.47 3.85
N MET B 88 -3.45 -16.48 4.15
CA MET B 88 -3.85 -17.50 3.16
C MET B 88 -5.25 -17.35 2.55
N ASP B 89 -5.95 -16.25 2.81
CA ASP B 89 -7.32 -16.13 2.31
C ASP B 89 -7.33 -16.00 0.78
N PHE B 90 -7.95 -16.96 0.10
CA PHE B 90 -8.12 -16.89 -1.36
C PHE B 90 -9.38 -16.09 -1.74
N GLU B 91 -10.28 -15.88 -0.79
CA GLU B 91 -11.56 -15.26 -1.12
C GLU B 91 -11.76 -13.96 -0.37
N SER B 92 -10.67 -13.22 -0.15
CA SER B 92 -10.78 -11.92 0.49
C SER B 92 -11.64 -10.98 -0.35
N LYS B 93 -12.45 -10.17 0.32
CA LYS B 93 -13.28 -9.18 -0.38
C LYS B 93 -12.51 -7.88 -0.59
N ASP B 94 -11.38 -7.75 0.12
CA ASP B 94 -10.45 -6.62 -0.07
C ASP B 94 -9.01 -7.16 -0.08
N PRO B 95 -8.61 -7.84 -1.18
CA PRO B 95 -7.29 -8.49 -1.28
C PRO B 95 -6.10 -7.53 -1.13
N GLU B 96 -6.26 -6.30 -1.59
CA GLU B 96 -5.18 -5.35 -1.60
C GLU B 96 -4.75 -5.02 -0.16
N ASN B 97 -5.74 -4.79 0.71
CA ASN B 97 -5.44 -4.41 2.11
C ASN B 97 -5.39 -5.59 3.07
N GLU B 98 -6.25 -6.59 2.84
CA GLU B 98 -6.31 -7.76 3.71
C GLU B 98 -5.25 -8.83 3.44
N VAL B 99 -4.63 -8.83 2.25
CA VAL B 99 -3.68 -9.89 1.86
C VAL B 99 -2.35 -9.32 1.32
N ILE B 100 -2.44 -8.64 0.18
CA ILE B 100 -1.25 -8.18 -0.53
C ILE B 100 -0.37 -7.23 0.30
N LYS B 101 -0.98 -6.18 0.85
CA LYS B 101 -0.24 -5.14 1.60
C LYS B 101 0.48 -5.66 2.86
N PRO B 102 -0.25 -6.37 3.74
CA PRO B 102 0.46 -6.90 4.94
C PRO B 102 1.56 -7.92 4.64
N THR B 103 1.38 -8.76 3.61
CA THR B 103 2.40 -9.68 3.15
C THR B 103 3.68 -8.92 2.76
N ILE B 104 3.51 -7.87 1.97
CA ILE B 104 4.67 -7.02 1.58
C ILE B 104 5.28 -6.21 2.76
N GLU B 105 4.46 -5.47 3.48
CA GLU B 105 4.97 -4.63 4.56
C GLU B 105 5.50 -5.42 5.73
N GLY B 106 4.85 -6.55 6.02
CA GLY B 106 5.33 -7.48 7.05
C GLY B 106 6.67 -8.09 6.73
N MET B 107 6.85 -8.47 5.47
CA MET B 107 8.10 -9.00 5.01
C MET B 107 9.20 -7.96 5.27
N LEU B 108 8.94 -6.73 4.84
CA LEU B 108 9.93 -5.64 4.94
C LEU B 108 10.20 -5.28 6.40
N GLY B 109 9.14 -5.30 7.21
CA GLY B 109 9.28 -5.10 8.66
C GLY B 109 10.21 -6.09 9.33
N ILE B 110 10.02 -7.37 9.00
CA ILE B 110 10.85 -8.43 9.54
C ILE B 110 12.30 -8.27 9.11
N MET B 111 12.51 -7.86 7.87
CA MET B 111 13.87 -7.60 7.39
C MET B 111 14.54 -6.44 8.19
N LYS B 112 13.79 -5.38 8.44
CA LYS B 112 14.23 -4.28 9.30
C LYS B 112 14.71 -4.80 10.64
N SER B 113 13.89 -5.63 11.28
CA SER B 113 14.23 -6.24 12.57
C SER B 113 15.45 -7.16 12.52
N CYS B 114 15.67 -7.83 11.39
CA CYS B 114 16.87 -8.67 11.28
C CYS B 114 18.12 -7.79 11.18
N ALA B 115 18.02 -6.66 10.49
CA ALA B 115 19.19 -5.77 10.36
C ALA B 115 19.64 -5.26 11.75
N ALA B 116 18.68 -4.84 12.57
CA ALA B 116 18.94 -4.37 13.93
C ALA B 116 19.48 -5.44 14.89
N ALA B 117 19.10 -6.70 14.66
CA ALA B 117 19.54 -7.81 15.51
C ALA B 117 20.87 -8.34 14.99
N LYS B 118 21.95 -7.80 15.56
CA LYS B 118 23.32 -8.06 15.08
C LYS B 118 23.72 -9.50 15.19
N THR B 119 23.03 -10.25 16.04
CA THR B 119 23.19 -11.71 16.11
C THR B 119 22.64 -12.49 14.90
N VAL B 120 21.65 -11.96 14.18
CA VAL B 120 21.04 -12.74 13.09
C VAL B 120 21.99 -12.84 11.90
N ARG B 121 22.55 -14.03 11.67
CA ARG B 121 23.43 -14.23 10.52
C ARG B 121 22.71 -14.45 9.19
N ARG B 122 21.47 -14.94 9.21
CA ARG B 122 20.73 -15.21 7.99
C ARG B 122 19.21 -15.20 8.20
N LEU B 123 18.50 -14.58 7.27
CA LEU B 123 17.05 -14.70 7.16
C LEU B 123 16.65 -15.64 6.01
N VAL B 124 15.74 -16.55 6.31
CA VAL B 124 15.18 -17.49 5.32
C VAL B 124 13.69 -17.23 5.18
N PHE B 125 13.29 -16.90 3.97
CA PHE B 125 11.90 -16.60 3.63
C PHE B 125 11.32 -17.74 2.80
N THR B 126 10.16 -18.22 3.23
CA THR B 126 9.39 -19.17 2.47
C THR B 126 8.56 -18.41 1.44
N SER B 127 8.99 -18.47 0.17
CA SER B 127 8.26 -17.92 -0.96
C SER B 127 7.20 -18.96 -1.43
N SER B 128 7.03 -19.10 -2.73
CA SER B 128 5.96 -19.93 -3.32
C SER B 128 6.25 -20.12 -4.81
N ALA B 129 5.80 -21.25 -5.37
CA ALA B 129 5.81 -21.46 -6.83
C ALA B 129 4.92 -20.44 -7.57
N GLY B 130 3.97 -19.87 -6.86
CA GLY B 130 3.10 -18.82 -7.42
C GLY B 130 3.89 -17.59 -7.83
N THR B 131 5.12 -17.47 -7.33
CA THR B 131 6.05 -16.41 -7.72
C THR B 131 6.81 -16.71 -9.00
N VAL B 132 6.77 -17.97 -9.44
CA VAL B 132 7.61 -18.44 -10.53
C VAL B 132 6.91 -18.68 -11.86
N ASN B 133 5.80 -19.43 -11.86
CA ASN B 133 5.22 -19.87 -13.13
C ASN B 133 3.78 -19.48 -13.41
N ILE B 134 3.32 -18.34 -12.90
CA ILE B 134 2.00 -17.82 -13.24
C ILE B 134 2.12 -16.92 -14.47
N GLN B 135 2.00 -17.58 -15.62
CA GLN B 135 2.00 -16.94 -16.92
C GLN B 135 1.25 -17.84 -17.89
N GLU B 136 0.83 -17.23 -19.00
CA GLU B 136 -0.13 -17.87 -19.87
C GLU B 136 0.45 -19.11 -20.53
N HIS B 137 1.69 -19.05 -20.96
CA HIS B 137 2.34 -20.22 -21.52
C HIS B 137 3.27 -20.86 -20.49
N GLN B 138 3.19 -22.19 -20.37
CA GLN B 138 4.06 -22.93 -19.47
C GLN B 138 5.27 -23.44 -20.19
N LEU B 139 6.46 -23.15 -19.61
CA LEU B 139 7.69 -23.77 -20.03
C LEU B 139 7.70 -25.21 -19.55
N PRO B 140 8.49 -26.08 -20.21
CA PRO B 140 8.62 -27.45 -19.76
C PRO B 140 9.30 -27.56 -18.37
N VAL B 141 10.33 -26.74 -18.13
CA VAL B 141 11.05 -26.75 -16.86
C VAL B 141 11.26 -25.33 -16.36
N TYR B 142 10.91 -25.08 -15.10
CA TYR B 142 11.22 -23.80 -14.43
C TYR B 142 12.45 -23.92 -13.55
N ASP B 143 13.23 -22.83 -13.48
CA ASP B 143 14.30 -22.70 -12.50
C ASP B 143 14.22 -21.33 -11.79
N GLU B 144 15.24 -21.01 -10.98
CA GLU B 144 15.21 -19.83 -10.12
C GLU B 144 15.30 -18.50 -10.85
N SER B 145 15.54 -18.52 -12.17
CA SER B 145 15.65 -17.32 -12.96
C SER B 145 14.26 -16.83 -13.30
N CYS B 146 13.25 -17.70 -13.09
CA CYS B 146 11.90 -17.43 -13.59
C CYS B 146 10.97 -16.76 -12.57
N TRP B 147 10.20 -15.79 -13.05
CA TRP B 147 9.25 -15.05 -12.24
C TRP B 147 7.89 -14.97 -12.93
N SER B 148 6.84 -14.97 -12.12
CA SER B 148 5.46 -14.92 -12.58
C SER B 148 5.17 -13.56 -13.20
N ASP B 149 4.08 -13.53 -13.97
CA ASP B 149 3.58 -12.39 -14.74
C ASP B 149 2.35 -11.83 -14.01
N MET B 150 2.51 -10.66 -13.39
CA MET B 150 1.49 -10.06 -12.53
C MET B 150 0.33 -9.47 -13.32
N GLU B 151 0.61 -8.97 -14.53
CA GLU B 151 -0.45 -8.47 -15.41
C GLU B 151 -1.40 -9.61 -15.73
N PHE B 152 -0.85 -10.74 -16.15
CA PHE B 152 -1.63 -11.92 -16.49
C PHE B 152 -2.39 -12.48 -15.28
N CYS B 153 -1.68 -12.60 -14.14
CA CYS B 153 -2.30 -13.08 -12.89
C CYS B 153 -3.53 -12.24 -12.50
N ARG B 154 -3.33 -10.93 -12.46
CA ARG B 154 -4.38 -10.00 -12.07
C ARG B 154 -5.58 -10.04 -13.03
N ALA B 155 -5.27 -10.25 -14.31
CA ALA B 155 -6.27 -10.27 -15.35
C ALA B 155 -7.03 -11.58 -15.35
N LYS B 156 -6.30 -12.69 -15.31
CA LYS B 156 -6.91 -14.01 -15.39
C LYS B 156 -7.70 -14.36 -14.11
N LYS B 157 -7.22 -13.90 -12.96
CA LYS B 157 -7.84 -14.21 -11.68
C LYS B 157 -8.19 -15.70 -11.52
N MET B 158 -7.21 -16.56 -11.74
CA MET B 158 -7.35 -17.98 -11.45
C MET B 158 -7.50 -18.16 -9.93
N THR B 159 -7.86 -19.38 -9.52
CA THR B 159 -7.87 -19.73 -8.10
C THR B 159 -6.56 -19.29 -7.44
N ALA B 160 -6.67 -18.54 -6.36
CA ALA B 160 -5.54 -18.08 -5.53
C ALA B 160 -4.71 -16.93 -6.14
N TRP B 161 -5.23 -16.26 -7.17
CA TRP B 161 -4.48 -15.18 -7.85
C TRP B 161 -3.93 -14.16 -6.84
N MET B 162 -4.75 -13.79 -5.85
CA MET B 162 -4.40 -12.74 -4.87
C MET B 162 -3.21 -13.15 -3.98
N TYR B 163 -3.25 -14.42 -3.55
CA TYR B 163 -2.15 -15.07 -2.84
C TYR B 163 -0.87 -15.06 -3.69
N PHE B 164 -0.96 -15.50 -4.94
CA PHE B 164 0.21 -15.48 -5.83
C PHE B 164 0.83 -14.07 -5.97
N VAL B 165 -0.03 -13.06 -6.15
CA VAL B 165 0.44 -11.68 -6.21
C VAL B 165 1.13 -11.24 -4.91
N SER B 166 0.51 -11.50 -3.76
CA SER B 166 1.14 -11.18 -2.45
C SER B 166 2.54 -11.75 -2.31
N LYS B 167 2.70 -13.04 -2.62
CA LYS B 167 4.01 -13.68 -2.47
C LYS B 167 5.06 -13.12 -3.46
N THR B 168 4.66 -12.92 -4.72
CA THR B 168 5.55 -12.41 -5.78
C THR B 168 6.06 -11.00 -5.42
N LEU B 169 5.14 -10.09 -5.13
CA LEU B 169 5.55 -8.73 -4.77
C LEU B 169 6.33 -8.63 -3.48
N ALA B 170 6.00 -9.46 -2.48
CA ALA B 170 6.77 -9.56 -1.26
C ALA B 170 8.17 -10.05 -1.53
N GLU B 171 8.34 -11.09 -2.35
CA GLU B 171 9.72 -11.61 -2.56
C GLU B 171 10.59 -10.59 -3.33
N GLN B 172 9.99 -9.94 -4.31
CA GLN B 172 10.67 -8.94 -5.17
C GLN B 172 11.10 -7.73 -4.33
N ALA B 173 10.15 -7.19 -3.54
CA ALA B 173 10.46 -6.15 -2.53
C ALA B 173 11.58 -6.56 -1.59
N ALA B 174 11.57 -7.83 -1.17
CA ALA B 174 12.53 -8.36 -0.22
C ALA B 174 13.95 -8.41 -0.75
N TRP B 175 14.13 -8.90 -1.98
CA TRP B 175 15.42 -8.88 -2.65
C TRP B 175 15.99 -7.46 -2.82
N LYS B 176 15.12 -6.51 -3.15
CA LYS B 176 15.53 -5.10 -3.26
C LYS B 176 16.11 -4.59 -1.96
N TYR B 177 15.37 -4.80 -0.86
CA TYR B 177 15.83 -4.43 0.49
C TYR B 177 17.09 -5.17 0.90
N ALA B 178 17.18 -6.47 0.60
CA ALA B 178 18.33 -7.25 1.03
C ALA B 178 19.60 -6.69 0.38
N LYS B 179 19.49 -6.34 -0.91
CA LYS B 179 20.62 -5.79 -1.66
C LYS B 179 20.96 -4.40 -1.11
N GLU B 180 19.93 -3.56 -0.96
CA GLU B 180 20.13 -2.23 -0.38
C GLU B 180 20.82 -2.27 0.98
N ASN B 181 20.50 -3.27 1.83
CA ASN B 181 20.96 -3.27 3.23
C ASN B 181 21.86 -4.42 3.62
N ASN B 182 22.49 -5.05 2.63
CA ASN B 182 23.42 -6.16 2.87
C ASN B 182 22.96 -7.17 3.92
N ILE B 183 21.78 -7.74 3.68
CA ILE B 183 21.22 -8.79 4.51
C ILE B 183 21.51 -10.09 3.81
N ASP B 184 22.07 -11.06 4.54
CA ASP B 184 22.14 -12.43 4.11
C ASP B 184 20.72 -13.03 4.09
N PHE B 185 20.17 -13.08 2.89
CA PHE B 185 18.79 -13.44 2.66
C PHE B 185 18.75 -14.64 1.71
N ILE B 186 18.01 -15.66 2.12
CA ILE B 186 17.74 -16.84 1.29
C ILE B 186 16.22 -16.95 1.10
N THR B 187 15.79 -17.35 -0.10
CA THR B 187 14.40 -17.75 -0.30
C THR B 187 14.27 -19.21 -0.76
N ILE B 188 13.16 -19.83 -0.34
CA ILE B 188 12.87 -21.22 -0.71
C ILE B 188 11.51 -21.20 -1.39
N ILE B 189 11.45 -21.84 -2.54
CA ILE B 189 10.27 -21.85 -3.40
C ILE B 189 9.69 -23.27 -3.41
N PRO B 190 8.77 -23.56 -2.48
CA PRO B 190 8.06 -24.81 -2.54
C PRO B 190 7.02 -24.84 -3.65
N THR B 191 6.67 -26.08 -4.02
CA THR B 191 5.58 -26.13 -4.98
C THR B 191 4.29 -26.47 -4.25
N LEU B 192 3.74 -27.68 -4.43
CA LEU B 192 2.63 -28.01 -3.55
C LEU B 192 3.13 -28.95 -2.48
N VAL B 193 2.99 -28.50 -1.24
CA VAL B 193 3.48 -29.20 -0.08
C VAL B 193 2.42 -30.17 0.48
N VAL B 194 2.86 -31.43 0.59
CA VAL B 194 1.97 -32.55 0.92
C VAL B 194 2.68 -33.48 1.89
N GLY B 195 1.94 -33.93 2.90
CA GLY B 195 2.50 -34.92 3.81
C GLY B 195 1.66 -35.11 5.04
N PRO B 196 2.19 -35.85 6.02
CA PRO B 196 1.57 -35.89 7.35
C PRO B 196 1.73 -34.51 8.04
N PHE B 197 1.08 -34.32 9.18
CA PHE B 197 1.13 -33.04 9.88
C PHE B 197 0.67 -33.12 11.32
N ILE B 198 1.11 -32.15 12.10
CA ILE B 198 0.88 -32.18 13.54
C ILE B 198 -0.26 -31.28 13.98
N MET B 199 -0.60 -30.31 13.13
CA MET B 199 -1.70 -29.40 13.41
C MET B 199 -3.05 -30.13 13.32
N SER B 200 -4.13 -29.47 13.74
CA SER B 200 -5.42 -30.13 13.98
C SER B 200 -6.51 -29.81 12.95
N SER B 201 -6.27 -28.83 12.09
CA SER B 201 -7.25 -28.48 11.06
C SER B 201 -6.69 -28.78 9.69
N MET B 202 -7.51 -28.61 8.66
CA MET B 202 -7.09 -28.98 7.30
C MET B 202 -5.99 -28.01 6.83
N PRO B 203 -4.80 -28.54 6.54
CA PRO B 203 -3.80 -27.70 5.89
C PRO B 203 -4.28 -27.13 4.55
N PRO B 204 -4.17 -25.79 4.35
CA PRO B 204 -4.63 -25.16 3.09
C PRO B 204 -4.20 -25.88 1.82
N SER B 205 -2.94 -26.28 1.72
CA SER B 205 -2.47 -26.92 0.50
C SER B 205 -3.02 -28.34 0.31
N LEU B 206 -3.51 -28.97 1.37
CA LEU B 206 -4.14 -30.28 1.20
C LEU B 206 -5.53 -30.13 0.66
N ILE B 207 -6.12 -28.94 0.76
CA ILE B 207 -7.35 -28.68 0.04
C ILE B 207 -7.07 -28.87 -1.47
N THR B 208 -5.98 -28.26 -1.93
CA THR B 208 -5.55 -28.42 -3.31
C THR B 208 -5.08 -29.83 -3.61
N ALA B 209 -4.23 -30.36 -2.77
CA ALA B 209 -3.62 -31.66 -3.04
C ALA B 209 -4.66 -32.78 -3.14
N LEU B 210 -5.66 -32.74 -2.26
CA LEU B 210 -6.64 -33.82 -2.15
C LEU B 210 -7.93 -33.53 -2.93
N SER B 211 -7.90 -32.48 -3.75
CA SER B 211 -9.09 -32.06 -4.52
C SER B 211 -9.63 -33.15 -5.47
N PRO B 212 -8.75 -34.02 -6.03
CA PRO B 212 -9.36 -35.11 -6.80
C PRO B 212 -10.19 -36.07 -5.95
N ILE B 213 -9.82 -36.24 -4.69
CA ILE B 213 -10.61 -37.05 -3.76
C ILE B 213 -11.89 -36.32 -3.36
N THR B 214 -11.79 -35.04 -3.02
CA THR B 214 -12.93 -34.30 -2.49
C THR B 214 -13.80 -33.69 -3.59
N GLY B 215 -13.29 -33.69 -4.82
CA GLY B 215 -13.99 -33.07 -5.94
C GLY B 215 -14.03 -31.55 -5.91
N ASN B 216 -13.07 -30.93 -5.23
CA ASN B 216 -13.00 -29.47 -5.17
C ASN B 216 -12.39 -28.93 -6.47
N GLU B 217 -13.24 -28.75 -7.49
CA GLU B 217 -12.75 -28.56 -8.86
C GLU B 217 -12.04 -27.23 -9.04
N ALA B 218 -12.43 -26.24 -8.23
CA ALA B 218 -11.79 -24.93 -8.26
C ALA B 218 -10.27 -24.99 -8.03
N HIS B 219 -9.81 -26.04 -7.36
CA HIS B 219 -8.38 -26.21 -7.08
C HIS B 219 -7.61 -27.00 -8.12
N TYR B 220 -8.32 -27.60 -9.08
CA TYR B 220 -7.68 -28.40 -10.15
C TYR B 220 -6.67 -27.59 -10.98
N SER B 221 -6.90 -26.29 -11.13
CA SER B 221 -6.03 -25.44 -11.95
C SER B 221 -4.58 -25.42 -11.45
N ILE B 222 -4.40 -25.66 -10.15
CA ILE B 222 -3.08 -25.66 -9.53
C ILE B 222 -2.34 -26.98 -9.74
N ILE B 223 -3.09 -28.09 -9.86
CA ILE B 223 -2.51 -29.43 -10.00
C ILE B 223 -2.63 -30.03 -11.43
N ARG B 224 -3.23 -29.26 -12.34
CA ARG B 224 -3.37 -29.64 -13.77
C ARG B 224 -2.05 -30.06 -14.35
N GLN B 225 -1.06 -29.17 -14.24
CA GLN B 225 0.32 -29.49 -14.45
C GLN B 225 1.01 -29.24 -13.11
N GLY B 226 1.07 -30.29 -12.30
CA GLY B 226 1.43 -30.12 -10.90
C GLY B 226 2.86 -30.43 -10.56
N GLN B 227 3.30 -29.87 -9.43
CA GLN B 227 4.60 -30.17 -8.85
C GLN B 227 4.44 -30.26 -7.34
N PHE B 228 5.24 -31.10 -6.70
CA PHE B 228 4.92 -31.49 -5.34
C PHE B 228 6.21 -31.67 -4.57
N VAL B 229 6.14 -31.49 -3.25
CA VAL B 229 7.28 -31.77 -2.36
C VAL B 229 6.79 -32.28 -1.00
N HIS B 230 7.54 -33.19 -0.34
CA HIS B 230 7.10 -33.71 0.94
C HIS B 230 7.36 -32.67 2.02
N LEU B 231 6.40 -32.45 2.92
CA LEU B 231 6.58 -31.54 4.07
C LEU B 231 7.93 -31.70 4.76
N ASP B 232 8.31 -32.93 5.07
CA ASP B 232 9.53 -33.18 5.80
C ASP B 232 10.81 -32.88 5.00
N ASP B 233 10.78 -33.20 3.71
CA ASP B 233 11.84 -32.80 2.80
C ASP B 233 11.92 -31.27 2.81
N LEU B 234 10.79 -30.59 2.69
CA LEU B 234 10.84 -29.16 2.68
C LEU B 234 11.38 -28.50 3.95
N CYS B 235 10.97 -29.00 5.12
CA CYS B 235 11.45 -28.46 6.40
C CYS B 235 12.92 -28.73 6.59
N ASN B 236 13.36 -29.91 6.15
CA ASN B 236 14.78 -30.25 6.18
C ASN B 236 15.63 -29.33 5.28
N ALA B 237 15.08 -29.00 4.10
CA ALA B 237 15.68 -28.02 3.17
C ALA B 237 15.84 -26.65 3.83
N HIS B 238 14.81 -26.19 4.55
CA HIS B 238 14.89 -24.93 5.33
C HIS B 238 16.09 -24.94 6.26
N ILE B 239 16.20 -25.99 7.05
CA ILE B 239 17.31 -26.14 7.99
C ILE B 239 18.65 -26.20 7.24
N TYR B 240 18.68 -27.03 6.20
CA TYR B 240 19.86 -27.19 5.34
C TYR B 240 20.41 -25.86 4.83
N LEU B 241 19.52 -25.03 4.27
CA LEU B 241 19.88 -23.77 3.64
C LEU B 241 20.25 -22.69 4.67
N PHE B 242 19.72 -22.81 5.89
CA PHE B 242 20.11 -21.92 6.99
C PHE B 242 21.55 -22.20 7.38
N GLU B 243 21.83 -23.48 7.59
CA GLU B 243 23.14 -23.94 8.06
C GLU B 243 24.27 -23.99 7.03
N ASN B 244 23.95 -24.05 5.73
CA ASN B 244 24.97 -24.11 4.67
C ASN B 244 25.46 -22.71 4.32
N PRO B 245 26.71 -22.39 4.71
CA PRO B 245 27.15 -21.02 4.47
C PRO B 245 27.31 -20.68 2.97
N LYS B 246 27.47 -21.70 2.11
CA LYS B 246 27.64 -21.48 0.66
C LYS B 246 26.34 -21.04 -0.03
N ALA B 247 25.22 -21.16 0.66
CA ALA B 247 23.91 -20.90 0.08
C ALA B 247 23.73 -19.43 -0.28
N GLU B 248 23.10 -19.19 -1.43
CA GLU B 248 22.87 -17.84 -1.93
C GLU B 248 21.66 -17.79 -2.86
N GLY B 249 20.89 -16.71 -2.74
CA GLY B 249 19.79 -16.43 -3.65
C GLY B 249 18.54 -17.26 -3.38
N ARG B 250 17.85 -17.60 -4.46
CA ARG B 250 16.61 -18.39 -4.40
C ARG B 250 16.92 -19.87 -4.58
N TYR B 251 16.14 -20.70 -3.91
CA TYR B 251 16.19 -22.15 -4.12
C TYR B 251 14.82 -22.80 -4.30
N ILE B 252 14.54 -23.36 -5.48
CA ILE B 252 13.35 -24.19 -5.67
C ILE B 252 13.46 -25.45 -4.84
N CYS B 253 12.36 -25.85 -4.19
CA CYS B 253 12.35 -27.11 -3.42
C CYS B 253 11.14 -27.95 -3.86
N SER B 254 11.34 -28.82 -4.85
CA SER B 254 10.26 -29.60 -5.52
C SER B 254 10.81 -30.92 -6.03
N SER B 255 10.13 -32.02 -5.71
CA SER B 255 10.71 -33.33 -5.96
C SER B 255 10.01 -34.12 -7.06
N HIS B 256 8.78 -33.77 -7.41
CA HIS B 256 8.02 -34.57 -8.34
C HIS B 256 7.14 -33.66 -9.16
N ASP B 257 6.81 -34.07 -10.38
CA ASP B 257 5.89 -33.34 -11.25
C ASP B 257 5.11 -34.32 -12.09
N CYS B 258 3.81 -34.08 -12.25
CA CYS B 258 2.97 -34.88 -13.11
C CYS B 258 1.69 -34.12 -13.30
N ILE B 259 1.02 -34.36 -14.41
CA ILE B 259 -0.31 -33.75 -14.67
C ILE B 259 -1.41 -34.41 -13.80
N ILE B 260 -2.52 -33.72 -13.64
CA ILE B 260 -3.61 -34.19 -12.83
C ILE B 260 -4.07 -35.64 -13.18
N LEU B 261 -4.01 -36.04 -14.45
CA LEU B 261 -4.46 -37.37 -14.83
C LEU B 261 -3.57 -38.40 -14.16
N ASP B 262 -2.29 -38.09 -14.08
CA ASP B 262 -1.33 -39.01 -13.50
C ASP B 262 -1.45 -39.09 -11.97
N LEU B 263 -1.75 -37.95 -11.35
CA LEU B 263 -1.96 -37.91 -9.90
C LEU B 263 -3.23 -38.67 -9.52
N ALA B 264 -4.33 -38.36 -10.21
CA ALA B 264 -5.59 -39.08 -10.04
C ALA B 264 -5.46 -40.60 -10.20
N LYS B 265 -4.64 -41.03 -11.17
CA LYS B 265 -4.40 -42.46 -11.41
C LYS B 265 -3.72 -43.12 -10.20
N MET B 266 -2.74 -42.44 -9.61
CA MET B 266 -2.02 -42.97 -8.46
C MET B 266 -2.97 -43.05 -7.28
N LEU B 267 -3.81 -42.05 -7.14
CA LEU B 267 -4.75 -42.01 -6.03
C LEU B 267 -5.85 -43.06 -6.16
N ARG B 268 -6.38 -43.23 -7.38
CA ARG B 268 -7.37 -44.28 -7.67
C ARG B 268 -6.84 -45.68 -7.35
N GLU B 269 -5.62 -45.97 -7.79
CA GLU B 269 -4.99 -47.27 -7.54
C GLU B 269 -4.66 -47.49 -6.07
N LYS B 270 -4.46 -46.42 -5.33
CA LYS B 270 -4.18 -46.48 -3.92
C LYS B 270 -5.47 -46.49 -3.09
N TYR B 271 -6.50 -45.78 -3.54
CA TYR B 271 -7.73 -45.57 -2.78
C TYR B 271 -8.98 -45.89 -3.59
N PRO B 272 -9.20 -47.18 -3.87
CA PRO B 272 -10.43 -47.67 -4.48
C PRO B 272 -11.72 -47.21 -3.77
N GLU B 273 -11.63 -47.04 -2.45
CA GLU B 273 -12.77 -46.64 -1.59
C GLU B 273 -13.22 -45.22 -1.78
N TYR B 274 -12.42 -44.43 -2.51
CA TYR B 274 -12.79 -43.07 -2.84
C TYR B 274 -13.24 -42.98 -4.28
N ASN B 275 -14.17 -42.07 -4.53
CA ASN B 275 -14.67 -41.77 -5.85
C ASN B 275 -13.82 -40.71 -6.53
N ILE B 276 -12.68 -41.16 -7.06
CA ILE B 276 -11.72 -40.30 -7.74
C ILE B 276 -12.01 -40.38 -9.25
N PRO B 277 -12.20 -39.22 -9.93
CA PRO B 277 -12.54 -39.25 -11.36
C PRO B 277 -11.48 -39.89 -12.25
N THR B 278 -11.89 -40.31 -13.43
CA THR B 278 -10.99 -40.86 -14.44
C THR B 278 -10.69 -39.86 -15.56
N GLU B 279 -11.58 -38.88 -15.72
CA GLU B 279 -11.45 -37.88 -16.75
C GLU B 279 -11.55 -36.50 -16.12
N PHE B 280 -10.82 -35.54 -16.70
CA PHE B 280 -10.85 -34.14 -16.26
C PHE B 280 -11.02 -33.24 -17.47
N LYS B 281 -12.05 -32.39 -17.45
CA LYS B 281 -12.33 -31.49 -18.57
C LYS B 281 -11.12 -30.62 -18.88
N GLY B 282 -10.80 -30.49 -20.17
CA GLY B 282 -9.67 -29.69 -20.63
C GLY B 282 -8.30 -30.34 -20.49
N VAL B 283 -8.26 -31.64 -20.22
CA VAL B 283 -6.97 -32.31 -20.00
C VAL B 283 -6.91 -33.64 -20.73
N ASP B 284 -5.77 -33.93 -21.35
CA ASP B 284 -5.55 -35.27 -21.91
C ASP B 284 -4.12 -35.73 -21.74
N GLU B 285 -3.89 -36.99 -22.12
CA GLU B 285 -2.62 -37.69 -21.92
C GLU B 285 -1.44 -36.98 -22.59
N ASN B 286 -1.71 -36.22 -23.64
CA ASN B 286 -0.66 -35.52 -24.35
C ASN B 286 -0.23 -34.21 -23.67
N LEU B 287 -0.89 -33.83 -22.59
CA LEU B 287 -0.53 -32.61 -21.86
C LEU B 287 0.82 -32.78 -21.21
N LYS B 288 1.71 -31.87 -21.57
CA LYS B 288 3.06 -31.76 -21.03
C LYS B 288 2.99 -31.64 -19.50
N SER B 289 3.83 -32.37 -18.81
CA SER B 289 4.11 -32.11 -17.40
C SER B 289 5.06 -30.91 -17.32
N VAL B 290 4.94 -30.16 -16.23
CA VAL B 290 5.80 -29.01 -16.02
C VAL B 290 6.69 -29.30 -14.80
N CYS B 291 7.99 -29.31 -15.02
CA CYS B 291 8.93 -29.59 -13.94
C CYS B 291 9.49 -28.31 -13.31
N PHE B 292 9.56 -28.30 -11.98
CA PHE B 292 10.34 -27.32 -11.22
C PHE B 292 11.70 -27.89 -10.87
N SER B 293 12.75 -27.40 -11.50
CA SER B 293 14.08 -28.00 -11.25
C SER B 293 14.65 -27.56 -9.90
N SER B 294 15.09 -28.55 -9.12
CA SER B 294 15.71 -28.33 -7.81
C SER B 294 17.23 -28.62 -7.86
N LYS B 295 17.82 -28.61 -9.05
CA LYS B 295 19.26 -28.90 -9.20
C LYS B 295 20.14 -27.93 -8.43
N LYS B 296 19.74 -26.67 -8.30
CA LYS B 296 20.54 -25.71 -7.52
C LYS B 296 20.67 -26.19 -6.07
N LEU B 297 19.57 -26.70 -5.52
CA LEU B 297 19.55 -27.21 -4.15
C LEU B 297 20.32 -28.51 -4.05
N THR B 298 20.05 -29.44 -4.96
CA THR B 298 20.73 -30.76 -4.87
C THR B 298 22.23 -30.63 -5.19
N ASP B 299 22.61 -29.69 -6.07
CA ASP B 299 24.02 -29.36 -6.36
C ASP B 299 24.81 -29.00 -5.08
N LEU B 300 24.16 -28.35 -4.12
CA LEU B 300 24.78 -28.07 -2.79
C LEU B 300 25.12 -29.32 -2.01
N GLY B 301 24.33 -30.37 -2.20
CA GLY B 301 24.47 -31.61 -1.46
C GLY B 301 23.20 -32.06 -0.75
N PHE B 302 22.12 -31.28 -0.83
CA PHE B 302 20.84 -31.67 -0.26
C PHE B 302 20.22 -32.85 -1.00
N GLU B 303 19.64 -33.79 -0.25
CA GLU B 303 19.01 -34.98 -0.83
C GLU B 303 17.56 -35.13 -0.36
N PHE B 304 16.65 -35.22 -1.33
CA PHE B 304 15.26 -35.58 -1.07
C PHE B 304 15.13 -37.04 -0.65
N LYS B 305 14.33 -37.29 0.37
CA LYS B 305 14.14 -38.62 0.95
C LYS B 305 12.81 -39.29 0.62
N TYR B 306 11.81 -38.55 0.17
CA TYR B 306 10.48 -39.12 0.02
C TYR B 306 9.95 -39.16 -1.41
N SER B 307 9.08 -40.12 -1.69
CA SER B 307 8.45 -40.30 -2.99
C SER B 307 7.13 -39.56 -2.99
N LEU B 308 6.53 -39.44 -4.17
CA LEU B 308 5.18 -38.87 -4.29
C LEU B 308 4.16 -39.68 -3.50
N GLU B 309 4.36 -40.99 -3.51
CA GLU B 309 3.42 -41.88 -2.82
C GLU B 309 3.55 -41.71 -1.30
N ASP B 310 4.77 -41.54 -0.81
CA ASP B 310 4.99 -41.17 0.60
C ASP B 310 4.17 -39.93 0.99
N MET B 311 4.29 -38.87 0.19
CA MET B 311 3.59 -37.60 0.48
C MET B 311 2.13 -37.83 0.69
N PHE B 312 1.49 -38.49 -0.28
CA PHE B 312 0.02 -38.58 -0.27
C PHE B 312 -0.56 -39.54 0.76
N THR B 313 0.17 -40.61 1.05
N THR B 313 0.16 -40.64 1.04
CA THR B 313 -0.22 -41.54 2.08
CA THR B 313 -0.23 -41.55 2.11
C THR B 313 -0.08 -40.91 3.47
C THR B 313 -0.13 -40.86 3.46
N GLY B 314 0.90 -40.04 3.64
CA GLY B 314 1.08 -39.30 4.87
C GLY B 314 -0.10 -38.39 5.09
N ALA B 315 -0.48 -37.70 4.02
CA ALA B 315 -1.56 -36.72 4.04
C ALA B 315 -2.90 -37.38 4.32
N VAL B 316 -3.23 -38.38 3.50
CA VAL B 316 -4.51 -39.07 3.59
C VAL B 316 -4.68 -39.74 4.95
N ASP B 317 -3.66 -40.49 5.39
CA ASP B 317 -3.70 -41.17 6.68
C ASP B 317 -3.88 -40.22 7.86
N THR B 318 -3.13 -39.12 7.88
CA THR B 318 -3.27 -38.15 8.94
C THR B 318 -4.68 -37.54 8.91
N CYS B 319 -5.16 -37.24 7.72
CA CYS B 319 -6.50 -36.64 7.58
C CYS B 319 -7.59 -37.60 8.07
N ARG B 320 -7.44 -38.87 7.72
CA ARG B 320 -8.33 -39.92 8.24
C ARG B 320 -8.26 -40.02 9.76
N ALA B 321 -7.05 -40.22 10.30
CA ALA B 321 -6.86 -40.28 11.76
C ALA B 321 -7.50 -39.14 12.53
N LYS B 322 -7.43 -37.93 11.97
CA LYS B 322 -7.95 -36.74 12.65
C LYS B 322 -9.39 -36.44 12.29
N GLY B 323 -9.97 -37.23 11.39
CA GLY B 323 -11.34 -36.98 10.98
C GLY B 323 -11.53 -35.81 10.02
N LEU B 324 -10.45 -35.41 9.33
CA LEU B 324 -10.55 -34.30 8.36
C LEU B 324 -10.95 -34.76 6.95
N LEU B 325 -10.90 -36.07 6.73
CA LEU B 325 -11.37 -36.71 5.50
C LEU B 325 -12.13 -37.95 5.95
N PRO B 326 -13.22 -38.30 5.26
CA PRO B 326 -13.86 -39.58 5.61
C PRO B 326 -13.01 -40.79 5.26
N PRO B 327 -13.24 -41.91 5.95
CA PRO B 327 -12.46 -43.11 5.67
C PRO B 327 -12.73 -43.70 4.28
N SER B 328 -13.93 -43.48 3.75
CA SER B 328 -14.30 -43.97 2.42
C SER B 328 -15.42 -43.11 1.88
N HIS B 329 -15.75 -43.30 0.60
CA HIS B 329 -16.95 -42.71 0.00
C HIS B 329 -17.99 -43.81 -0.25
N GLU B 330 -19.27 -43.44 -0.22
CA GLU B 330 -20.38 -44.37 -0.49
C GLU B 330 -20.74 -44.39 -1.96
PA NAP C . -6.47 21.36 -9.19
O1A NAP C . -7.26 20.16 -9.48
O2A NAP C . -6.77 22.63 -9.96
O5B NAP C . -4.94 20.95 -9.27
C5B NAP C . -4.64 19.61 -8.98
C4B NAP C . -3.75 19.10 -10.10
O4B NAP C . -3.40 17.75 -9.85
C3B NAP C . -4.43 19.10 -11.47
O3B NAP C . -4.05 20.21 -12.25
C2B NAP C . -3.95 17.83 -12.16
O2B NAP C . -3.09 18.22 -13.24
C1B NAP C . -3.16 17.09 -11.08
N9A NAP C . -3.50 15.65 -10.92
C8A NAP C . -4.69 15.06 -10.70
N7A NAP C . -4.52 13.73 -10.60
C5A NAP C . -3.22 13.47 -10.76
C6A NAP C . -2.48 12.30 -10.74
N6A NAP C . -3.07 11.12 -10.60
N1A NAP C . -1.13 12.37 -10.94
C2A NAP C . -0.48 13.57 -11.13
N3A NAP C . -1.23 14.74 -11.14
C4A NAP C . -2.56 14.67 -10.94
O3 NAP C . -6.67 21.64 -7.60
PN NAP C . -6.06 22.82 -6.66
O1N NAP C . -7.32 23.59 -6.23
O2N NAP C . -5.03 23.57 -7.37
O5D NAP C . -5.37 22.00 -5.48
C5D NAP C . -3.99 21.77 -5.50
C4D NAP C . -3.56 21.24 -4.13
O4D NAP C . -4.05 22.10 -3.12
C3D NAP C . -4.06 19.84 -3.80
O3D NAP C . -3.04 19.08 -3.14
C2D NAP C . -5.25 20.08 -2.89
O2D NAP C . -5.57 19.03 -1.98
C1D NAP C . -4.75 21.32 -2.15
N1N NAP C . -5.83 22.15 -1.56
C2N NAP C . -6.64 22.90 -2.36
C3N NAP C . -7.61 23.67 -1.75
C7N NAP C . -8.42 24.66 -2.53
O7N NAP C . -9.47 25.27 -1.85
N7N NAP C . -8.11 24.91 -3.80
C4N NAP C . -7.76 23.69 -0.36
C5N NAP C . -6.90 22.95 0.43
C6N NAP C . -5.94 22.19 -0.21
P2B NAP C . -2.94 17.40 -14.64
O1X NAP C . -4.32 17.11 -15.11
O2X NAP C . -2.12 18.23 -15.61
O3X NAP C . -2.13 16.12 -14.43
C1 DQH D . -11.75 21.72 -3.01
C2 DQH D . -10.74 21.66 -2.07
C3 DQH D . -11.04 21.91 -0.73
C4 DQH D . -12.34 22.20 -0.32
C5 DQH D . -13.36 22.27 -1.25
C6 DQH D . -13.05 22.05 -2.60
C9 DQH D . -10.01 21.85 0.36
C10 DQH D . -10.28 22.71 1.56
C11 DQH D . -11.65 22.27 2.04
C14 DQH D . -12.06 22.86 3.35
C15 DQH D . -12.25 24.23 3.70
C16 DQH D . -12.64 24.55 5.03
C17 DQH D . -12.85 23.51 5.97
C18 DQH D . -12.66 22.19 5.59
C19 DQH D . -12.27 21.89 4.30
O12 DQH D . -12.62 22.45 1.01
O13 DQH D . -9.06 21.09 0.28
O23 DQH D . -12.85 21.10 6.43
O24 DQH D . -13.20 23.77 7.27
O27 DQH D . -9.23 22.58 2.53
O29 DQH D . -14.07 22.11 -3.49
O30 DQH D . -9.45 21.37 -2.47
PA NAP E . -0.65 -22.22 6.96
O1A NAP E . -1.97 -21.49 6.66
O2A NAP E . -0.97 -23.50 7.59
O5B NAP E . 0.20 -21.27 7.88
C5B NAP E . 0.47 -19.91 7.69
C4B NAP E . 0.48 -19.26 9.05
O4B NAP E . 0.52 -17.87 8.89
C3B NAP E . -0.77 -19.58 9.88
O3B NAP E . -0.47 -20.58 10.84
C2B NAP E . -1.13 -18.29 10.57
O2B NAP E . -0.93 -18.43 11.97
C1B NAP E . -0.13 -17.29 9.99
N9A NAP E . -0.74 -16.01 9.58
C8A NAP E . -1.79 -15.76 8.77
N7A NAP E . -1.98 -14.42 8.70
C5A NAP E . -1.03 -13.83 9.47
C6A NAP E . -0.74 -12.51 9.75
N6A NAP E . -1.51 -11.50 9.32
N1A NAP E . 0.30 -12.23 10.59
C2A NAP E . 1.10 -13.23 11.14
N3A NAP E . 0.81 -14.54 10.85
C4A NAP E . -0.24 -14.83 10.02
O3 NAP E . 0.10 -22.31 5.53
PN NAP E . 1.40 -23.21 5.18
O1N NAP E . 1.01 -24.14 4.10
O2N NAP E . 1.82 -23.50 6.48
O5D NAP E . 2.36 -22.11 4.52
C5D NAP E . 3.39 -21.46 5.22
C4D NAP E . 4.30 -20.72 4.23
O4D NAP E . 4.64 -21.58 3.18
C3D NAP E . 3.67 -19.49 3.58
O3D NAP E . 4.64 -18.46 3.48
C2D NAP E . 3.24 -19.98 2.22
O2D NAP E . 3.16 -18.96 1.24
C1D NAP E . 4.36 -20.96 1.95
N1N NAP E . 3.99 -21.96 0.93
C2N NAP E . 3.03 -22.92 1.18
C3N NAP E . 2.72 -23.86 0.18
C7N NAP E . 2.05 -25.19 0.51
O7N NAP E . 1.89 -26.08 -0.54
N7N NAP E . 1.68 -25.48 1.74
C4N NAP E . 3.38 -23.78 -1.04
C5N NAP E . 4.35 -22.81 -1.27
C6N NAP E . 4.65 -21.92 -0.27
P2B NAP E . -1.83 -17.76 13.12
O1X NAP E . -3.24 -17.97 12.65
O2X NAP E . -1.43 -18.41 14.43
O3X NAP E . -1.48 -16.28 13.24
C1 DQH F . -1.65 -23.37 -0.98
C2 DQH F . -0.36 -22.91 -1.25
C3 DQH F . 0.15 -23.12 -2.53
C4 DQH F . -0.59 -23.74 -3.53
C5 DQH F . -1.88 -24.19 -3.25
C6 DQH F . -2.40 -24.01 -1.98
C9 DQH F . 1.52 -22.65 -2.92
C10 DQH F . 2.17 -23.45 -4.03
C11 DQH F . 1.20 -23.37 -5.17
C14 DQH F . 1.70 -23.90 -6.48
C15 DQH F . 2.11 -25.19 -6.77
C16 DQH F . 2.55 -25.48 -8.09
C17 DQH F . 2.60 -24.47 -9.07
C18 DQH F . 2.16 -23.19 -8.73
C19 DQH F . 1.72 -22.93 -7.45
O12 DQH F . -0.06 -23.94 -4.80
O13 DQH F . 2.03 -21.67 -2.36
O23 DQH F . 2.14 -22.13 -9.59
O24 DQH F . 3.02 -24.70 -10.33
O27 DQH F . 3.52 -23.00 -4.32
O29 DQH F . -3.66 -24.45 -1.74
O30 DQH F . 0.37 -22.30 -0.26
#